data_4AE8
#
_entry.id   4AE8
#
_cell.length_a   50.539
_cell.length_b   58.211
_cell.length_c   69.681
_cell.angle_alpha   89.96
_cell.angle_beta   71.14
_cell.angle_gamma   64.60
#
_symmetry.space_group_name_H-M   'P 1'
#
loop_
_entity.id
_entity.type
_entity.pdbx_description
1 polymer 'THIOESTERASE SUPERFAMILY MEMBER 4'
2 water water
#
_entity_poly.entity_id   1
_entity_poly.type   'polypeptide(L)'
_entity_poly.pdbx_seq_one_letter_code
;GAHMSGRSSEEVILKDCSVPNPSWNKDLRLLFDQFMKKCEDGSWKRLPSYKRTPTEWIQDFKTHFLDPKLMKEEQMSQAQ
LFTRSFDDGLGFEYVMFYNDIEKRMVCLFQGGPYLEGPPGFIHGGAIATMIDATVGMCAMMAGGIVMTANLNINYKRPIP
LCSVVMINSQLDKVEGRKFFVSCNVQSVDEKTLYSEATSLFIKLNPAKSLT
;
_entity_poly.pdbx_strand_id   A,B,C,D
#
# COMPACT_ATOMS: atom_id res chain seq x y z
N ILE A 13 4.10 46.57 5.09
CA ILE A 13 5.43 45.99 4.95
C ILE A 13 5.33 44.49 4.68
N LEU A 14 4.10 43.98 4.64
CA LEU A 14 3.86 42.57 4.35
C LEU A 14 4.08 42.28 2.88
N LYS A 15 4.71 41.14 2.57
CA LYS A 15 4.92 40.79 1.18
C LYS A 15 3.66 40.22 0.55
N ASP A 16 3.28 40.78 -0.60
CA ASP A 16 2.19 40.25 -1.41
C ASP A 16 2.70 39.00 -2.12
N CYS A 17 2.05 37.87 -1.87
CA CYS A 17 2.49 36.57 -2.37
C CYS A 17 1.74 36.16 -3.65
N SER A 18 0.73 36.94 -4.01
CA SER A 18 -0.11 36.62 -5.16
C SER A 18 0.43 37.26 -6.43
N VAL A 19 1.73 37.07 -6.65
CA VAL A 19 2.42 37.62 -7.82
C VAL A 19 3.45 36.59 -8.21
N PRO A 20 3.97 36.69 -9.44
CA PRO A 20 4.96 35.69 -9.88
C PRO A 20 6.22 35.63 -9.01
N ASN A 21 6.75 34.42 -8.88
CA ASN A 21 8.08 34.23 -8.34
C ASN A 21 8.74 33.16 -9.20
N PRO A 22 10.03 32.87 -8.95
CA PRO A 22 10.72 31.96 -9.87
C PRO A 22 10.15 30.53 -9.89
N SER A 23 9.29 30.16 -8.96
CA SER A 23 8.73 28.81 -8.97
C SER A 23 7.57 28.64 -9.95
N TRP A 24 7.07 29.76 -10.47
CA TRP A 24 5.88 29.74 -11.31
C TRP A 24 6.16 29.14 -12.69
N ASN A 25 5.40 28.11 -13.05
CA ASN A 25 5.51 27.51 -14.39
C ASN A 25 5.00 28.47 -15.45
N LYS A 26 5.46 28.28 -16.68
CA LYS A 26 5.16 29.20 -17.77
C LYS A 26 3.67 29.29 -18.10
N ASP A 27 2.95 28.18 -17.97
CA ASP A 27 1.52 28.24 -18.23
C ASP A 27 0.80 29.07 -17.18
N LEU A 28 1.28 29.03 -15.94
CA LEU A 28 0.68 29.87 -14.90
C LEU A 28 1.00 31.32 -15.21
N ARG A 29 2.22 31.58 -15.65
CA ARG A 29 2.61 32.96 -15.97
C ARG A 29 1.76 33.51 -17.11
N LEU A 30 1.53 32.69 -18.13
CA LEU A 30 0.73 33.12 -19.27
C LEU A 30 -0.70 33.43 -18.86
N LEU A 31 -1.30 32.54 -18.08
CA LEU A 31 -2.67 32.77 -17.61
C LEU A 31 -2.74 33.98 -16.66
N PHE A 32 -1.74 34.17 -15.82
CA PHE A 32 -1.64 35.35 -14.98
C PHE A 32 -1.66 36.62 -15.84
N ASP A 33 -0.86 36.63 -16.90
CA ASP A 33 -0.83 37.75 -17.83
C ASP A 33 -2.19 38.02 -18.45
N GLN A 34 -2.92 36.95 -18.80
CA GLN A 34 -4.23 37.11 -19.39
C GLN A 34 -5.16 37.79 -18.40
N PHE A 35 -5.13 37.34 -17.15
CA PHE A 35 -6.02 37.92 -16.15
C PHE A 35 -5.63 39.35 -15.74
N MET A 36 -4.35 39.65 -15.76
CA MET A 36 -3.92 41.02 -15.50
C MET A 36 -4.48 41.93 -16.59
N LYS A 37 -4.50 41.44 -17.82
CA LYS A 37 -5.08 42.19 -18.94
C LYS A 37 -6.59 42.41 -18.76
N LYS A 38 -7.29 41.41 -18.23
CA LYS A 38 -8.70 41.55 -17.93
C LYS A 38 -8.98 42.58 -16.84
N CYS A 39 -7.96 42.91 -16.06
CA CYS A 39 -8.09 43.93 -15.00
C CYS A 39 -8.06 45.35 -15.56
N GLU A 40 -7.64 45.48 -16.82
CA GLU A 40 -7.44 46.79 -17.45
C GLU A 40 -8.64 47.70 -17.33
N ASP A 41 -9.83 47.17 -17.60
CA ASP A 41 -11.04 48.00 -17.59
C ASP A 41 -11.70 48.10 -16.22
N GLY A 42 -11.08 47.47 -15.22
CA GLY A 42 -11.56 47.55 -13.85
C GLY A 42 -12.60 46.51 -13.48
N SER A 43 -13.03 45.73 -14.46
N SER A 43 -12.99 45.70 -14.46
CA SER A 43 -14.02 44.69 -14.21
CA SER A 43 -14.02 44.67 -14.25
C SER A 43 -13.45 43.63 -13.28
C SER A 43 -13.51 43.47 -13.44
N TRP A 44 -12.20 43.24 -13.51
CA TRP A 44 -11.51 42.28 -12.66
C TRP A 44 -10.50 42.99 -11.78
N LYS A 45 -10.20 42.40 -10.63
CA LYS A 45 -9.19 42.94 -9.73
C LYS A 45 -8.38 41.80 -9.14
N ARG A 46 -7.05 41.94 -9.13
CA ARG A 46 -6.19 40.96 -8.47
C ARG A 46 -6.21 41.19 -6.96
N LEU A 47 -6.39 40.11 -6.20
CA LEU A 47 -6.36 40.16 -4.76
C LEU A 47 -4.97 39.92 -4.21
N PRO A 48 -4.41 40.90 -3.50
CA PRO A 48 -3.20 40.68 -2.71
C PRO A 48 -3.40 39.58 -1.70
N SER A 49 -2.36 38.79 -1.47
CA SER A 49 -2.36 37.76 -0.42
C SER A 49 -1.08 37.89 0.40
N TYR A 50 -1.22 37.98 1.71
CA TYR A 50 -0.06 38.28 2.55
C TYR A 50 0.33 37.17 3.51
N LYS A 51 1.58 37.24 3.99
CA LYS A 51 2.07 36.40 5.07
C LYS A 51 3.18 37.12 5.82
N GLN A 78 4.13 31.29 15.32
CA GLN A 78 2.72 31.56 15.62
C GLN A 78 1.83 31.27 14.43
N ALA A 79 0.56 31.63 14.56
CA ALA A 79 -0.45 31.36 13.53
C ALA A 79 -0.09 31.97 12.17
N GLN A 80 -0.32 31.19 11.12
CA GLN A 80 -0.09 31.62 9.75
C GLN A 80 -1.22 31.08 8.89
N LEU A 81 -1.62 31.85 7.88
CA LEU A 81 -2.60 31.40 6.92
C LEU A 81 -2.11 30.09 6.31
N PHE A 82 -2.93 29.06 6.40
CA PHE A 82 -2.62 27.72 5.92
C PHE A 82 -2.04 27.73 4.49
N THR A 83 -2.71 28.44 3.58
CA THR A 83 -2.30 28.43 2.18
C THR A 83 -1.02 29.22 1.87
N ARG A 84 -0.48 29.92 2.86
CA ARG A 84 0.76 30.68 2.65
C ARG A 84 1.87 30.21 3.61
N SER A 85 1.76 28.96 4.06
N SER A 85 1.75 28.97 4.08
CA SER A 85 2.67 28.47 5.10
CA SER A 85 2.65 28.44 5.10
C SER A 85 3.83 27.66 4.54
C SER A 85 3.86 27.69 4.54
N PHE A 86 3.98 27.67 3.22
CA PHE A 86 5.12 27.00 2.56
C PHE A 86 6.05 28.00 1.89
N ASP A 87 7.32 27.63 1.75
CA ASP A 87 8.25 28.46 0.99
C ASP A 87 7.90 28.43 -0.48
N ASP A 88 8.42 29.38 -1.25
CA ASP A 88 8.04 29.52 -2.64
C ASP A 88 8.19 28.22 -3.43
N GLY A 89 7.10 27.81 -4.07
CA GLY A 89 7.11 26.69 -5.00
C GLY A 89 6.81 25.35 -4.38
N LEU A 90 7.08 25.21 -3.10
CA LEU A 90 6.93 23.93 -2.42
C LEU A 90 5.48 23.57 -2.11
N GLY A 91 4.67 24.59 -1.84
CA GLY A 91 3.29 24.39 -1.41
C GLY A 91 2.26 24.94 -2.37
N PHE A 92 1.39 25.80 -1.85
CA PHE A 92 0.37 26.44 -2.67
C PHE A 92 0.95 27.68 -3.35
N GLU A 93 0.97 27.70 -4.67
CA GLU A 93 1.27 28.92 -5.42
C GLU A 93 -0.03 29.31 -6.07
N TYR A 94 -0.52 30.52 -5.81
CA TYR A 94 -1.80 30.90 -6.35
C TYR A 94 -1.97 32.39 -6.39
N VAL A 95 -2.95 32.80 -7.17
CA VAL A 95 -3.40 34.20 -7.22
C VAL A 95 -4.89 34.21 -7.52
N MET A 96 -5.63 35.07 -6.82
CA MET A 96 -7.04 35.20 -7.12
C MET A 96 -7.39 36.50 -7.86
N PHE A 97 -8.33 36.39 -8.79
CA PHE A 97 -8.88 37.55 -9.49
C PHE A 97 -10.40 37.59 -9.28
N TYR A 98 -10.90 38.75 -8.86
CA TYR A 98 -12.32 38.89 -8.52
C TYR A 98 -13.03 39.80 -9.52
N ASN A 99 -14.19 39.36 -10.00
CA ASN A 99 -15.05 40.21 -10.83
C ASN A 99 -16.33 40.51 -10.03
N ASP A 100 -16.46 41.74 -9.55
CA ASP A 100 -17.55 42.07 -8.64
C ASP A 100 -18.91 42.11 -9.32
N ILE A 101 -19.00 42.62 -10.54
CA ILE A 101 -20.32 42.62 -11.20
C ILE A 101 -20.83 41.20 -11.44
N GLU A 102 -19.92 40.28 -11.77
CA GLU A 102 -20.28 38.87 -11.95
C GLU A 102 -20.40 38.05 -10.65
N LYS A 103 -19.92 38.59 -9.53
CA LYS A 103 -19.81 37.84 -8.28
C LYS A 103 -19.06 36.53 -8.55
N ARG A 104 -17.93 36.68 -9.22
N ARG A 104 -17.91 36.67 -9.20
CA ARG A 104 -17.13 35.57 -9.70
CA ARG A 104 -17.15 35.54 -9.72
C ARG A 104 -15.69 35.68 -9.22
C ARG A 104 -15.68 35.64 -9.32
N MET A 105 -15.14 34.55 -8.76
CA MET A 105 -13.74 34.53 -8.31
C MET A 105 -13.01 33.46 -9.07
N VAL A 106 -11.90 33.84 -9.70
CA VAL A 106 -11.02 32.90 -10.38
C VAL A 106 -9.72 32.75 -9.59
N CYS A 107 -9.33 31.51 -9.32
CA CYS A 107 -8.04 31.26 -8.71
C CYS A 107 -7.13 30.50 -9.66
N LEU A 108 -5.94 31.04 -9.88
CA LEU A 108 -4.93 30.30 -10.62
C LEU A 108 -4.05 29.60 -9.58
N PHE A 109 -3.88 28.28 -9.73
CA PHE A 109 -3.26 27.47 -8.68
C PHE A 109 -2.27 26.46 -9.25
N GLN A 110 -1.05 26.49 -8.72
CA GLN A 110 0.00 25.52 -9.05
C GLN A 110 0.37 24.82 -7.76
N GLY A 111 0.09 23.53 -7.68
CA GLY A 111 0.34 22.78 -6.46
C GLY A 111 1.73 22.18 -6.44
N GLY A 112 2.53 22.56 -5.44
CA GLY A 112 3.91 22.11 -5.37
C GLY A 112 4.11 20.72 -4.79
N PRO A 113 5.36 20.26 -4.77
CA PRO A 113 5.68 18.88 -4.36
C PRO A 113 5.26 18.51 -2.94
N TYR A 114 5.12 19.47 -2.04
CA TYR A 114 4.75 19.14 -0.66
C TYR A 114 3.25 18.97 -0.52
N LEU A 115 2.50 19.05 -1.63
CA LEU A 115 1.05 18.86 -1.55
C LEU A 115 0.63 17.48 -2.02
N GLU A 116 1.59 16.54 -2.10
CA GLU A 116 1.28 15.23 -2.64
C GLU A 116 0.29 14.41 -1.80
N GLY A 117 -0.58 13.67 -2.49
CA GLY A 117 -1.42 12.67 -1.86
C GLY A 117 -1.06 11.32 -2.45
N PRO A 118 -1.87 10.83 -3.40
CA PRO A 118 -1.41 9.66 -4.16
C PRO A 118 -0.11 10.00 -4.86
N PRO A 119 0.83 9.05 -4.92
CA PRO A 119 2.14 9.29 -5.54
C PRO A 119 1.99 10.01 -6.88
N GLY A 120 2.60 11.19 -7.01
CA GLY A 120 2.58 11.92 -8.27
C GLY A 120 1.40 12.88 -8.46
N PHE A 121 0.49 12.93 -7.50
CA PHE A 121 -0.72 13.73 -7.63
C PHE A 121 -1.01 14.60 -6.42
N ILE A 122 -1.78 15.66 -6.65
CA ILE A 122 -2.16 16.56 -5.56
C ILE A 122 -3.16 15.90 -4.60
N HIS A 123 -2.84 15.99 -3.31
CA HIS A 123 -3.68 15.47 -2.25
C HIS A 123 -5.09 16.05 -2.39
N GLY A 124 -6.09 15.20 -2.24
CA GLY A 124 -7.48 15.64 -2.34
C GLY A 124 -7.76 16.77 -1.36
N GLY A 125 -7.05 16.75 -0.23
CA GLY A 125 -7.20 17.79 0.78
C GLY A 125 -6.65 19.13 0.33
N ALA A 126 -5.56 19.08 -0.41
CA ALA A 126 -4.98 20.30 -0.96
C ALA A 126 -5.90 20.90 -2.00
N ILE A 127 -6.53 20.05 -2.82
CA ILE A 127 -7.47 20.52 -3.82
C ILE A 127 -8.65 21.13 -3.07
N ALA A 128 -9.16 20.43 -2.07
CA ALA A 128 -10.27 20.96 -1.27
C ALA A 128 -9.92 22.30 -0.61
N THR A 129 -8.68 22.43 -0.15
CA THR A 129 -8.22 23.68 0.47
C THR A 129 -8.30 24.86 -0.49
N MET A 130 -7.79 24.69 -1.71
CA MET A 130 -7.83 25.78 -2.69
C MET A 130 -9.26 26.03 -3.18
N ILE A 131 -10.07 24.98 -3.28
CA ILE A 131 -11.50 25.18 -3.56
C ILE A 131 -12.14 26.03 -2.46
N ASP A 132 -11.95 25.60 -1.21
CA ASP A 132 -12.54 26.31 -0.07
C ASP A 132 -12.04 27.76 -0.05
N ALA A 133 -10.77 27.96 -0.37
CA ALA A 133 -10.20 29.31 -0.32
C ALA A 133 -10.89 30.19 -1.35
N THR A 134 -11.13 29.60 -2.51
CA THR A 134 -11.67 30.35 -3.65
C THR A 134 -13.16 30.69 -3.45
N VAL A 135 -13.96 29.66 -3.18
CA VAL A 135 -15.39 29.88 -2.94
C VAL A 135 -15.63 30.74 -1.72
N GLY A 136 -14.81 30.56 -0.68
CA GLY A 136 -14.95 31.38 0.53
C GLY A 136 -14.61 32.83 0.31
N MET A 137 -13.56 33.08 -0.45
CA MET A 137 -13.21 34.45 -0.81
C MET A 137 -14.26 35.08 -1.73
N CYS A 138 -14.87 34.28 -2.59
CA CYS A 138 -15.89 34.80 -3.48
C CYS A 138 -17.05 35.30 -2.62
N ALA A 139 -17.50 34.48 -1.67
CA ALA A 139 -18.59 34.87 -0.79
C ALA A 139 -18.21 36.10 0.02
N MET A 140 -16.97 36.12 0.51
CA MET A 140 -16.55 37.20 1.39
C MET A 140 -16.49 38.54 0.63
N MET A 141 -15.92 38.53 -0.57
CA MET A 141 -15.86 39.74 -1.40
C MET A 141 -17.25 40.27 -1.76
N ALA A 142 -18.20 39.37 -1.95
CA ALA A 142 -19.57 39.76 -2.24
C ALA A 142 -20.33 40.26 -1.01
N GLY A 143 -20.21 39.57 0.12
CA GLY A 143 -21.11 39.83 1.25
C GLY A 143 -20.51 39.97 2.64
N GLY A 144 -19.20 39.89 2.75
CA GLY A 144 -18.52 40.06 4.04
C GLY A 144 -18.12 38.77 4.73
N ILE A 145 -17.74 38.89 6.00
CA ILE A 145 -17.22 37.76 6.77
C ILE A 145 -18.18 36.57 6.84
N VAL A 146 -17.71 35.42 6.38
CA VAL A 146 -18.49 34.19 6.38
C VAL A 146 -17.70 33.02 6.92
N MET A 147 -18.40 31.94 7.25
CA MET A 147 -17.75 30.68 7.65
C MET A 147 -18.25 29.57 6.76
N THR A 148 -17.38 28.62 6.43
CA THR A 148 -17.77 27.47 5.62
C THR A 148 -18.78 26.62 6.38
N ALA A 149 -19.89 26.28 5.72
CA ALA A 149 -20.88 25.37 6.32
C ALA A 149 -20.97 24.02 5.59
N ASN A 150 -20.85 24.04 4.27
CA ASN A 150 -20.80 22.80 3.49
C ASN A 150 -19.83 22.93 2.34
N LEU A 151 -19.14 21.83 2.06
CA LEU A 151 -18.26 21.75 0.91
C LEU A 151 -18.49 20.38 0.28
N ASN A 152 -18.92 20.36 -0.98
CA ASN A 152 -19.28 19.10 -1.63
C ASN A 152 -18.51 19.02 -2.93
N ILE A 153 -17.50 18.16 -2.96
CA ILE A 153 -16.53 18.15 -4.04
C ILE A 153 -16.61 16.84 -4.82
N ASN A 154 -16.79 16.96 -6.14
CA ASN A 154 -16.69 15.80 -7.00
C ASN A 154 -15.34 15.84 -7.70
N TYR A 155 -14.52 14.82 -7.43
CA TYR A 155 -13.22 14.71 -8.07
C TYR A 155 -13.39 13.84 -9.29
N LYS A 156 -13.17 14.42 -10.47
CA LYS A 156 -13.43 13.68 -11.69
C LYS A 156 -12.16 13.04 -12.22
N ARG A 157 -11.04 13.74 -12.04
CA ARG A 157 -9.75 13.27 -12.52
C ARG A 157 -8.66 13.77 -11.58
N PRO A 158 -7.66 12.93 -11.29
CA PRO A 158 -6.62 13.36 -10.36
C PRO A 158 -5.74 14.44 -11.02
N ILE A 159 -5.18 15.32 -10.21
CA ILE A 159 -4.40 16.43 -10.73
C ILE A 159 -2.93 16.14 -10.50
N PRO A 160 -2.14 16.06 -11.58
CA PRO A 160 -0.73 15.78 -11.37
C PRO A 160 -0.03 16.83 -10.51
N LEU A 161 0.88 16.36 -9.66
CA LEU A 161 1.69 17.23 -8.84
C LEU A 161 2.47 18.24 -9.71
N CYS A 162 2.53 19.48 -9.25
CA CYS A 162 3.25 20.56 -9.92
C CYS A 162 2.56 21.08 -11.17
N SER A 163 1.31 20.68 -11.37
CA SER A 163 0.53 21.15 -12.50
C SER A 163 -0.16 22.47 -12.15
N VAL A 164 -0.64 23.16 -13.17
CA VAL A 164 -1.38 24.41 -12.97
C VAL A 164 -2.85 24.17 -13.31
N VAL A 165 -3.75 24.71 -12.47
CA VAL A 165 -5.18 24.63 -12.77
C VAL A 165 -5.86 25.97 -12.54
N MET A 166 -7.05 26.12 -13.11
CA MET A 166 -7.87 27.30 -12.92
C MET A 166 -9.12 26.88 -12.18
N ILE A 167 -9.38 27.55 -11.07
CA ILE A 167 -10.59 27.32 -10.29
C ILE A 167 -11.53 28.48 -10.55
N ASN A 168 -12.67 28.20 -11.16
CA ASN A 168 -13.62 29.26 -11.48
C ASN A 168 -14.83 29.11 -10.58
N SER A 169 -15.10 30.12 -9.76
CA SER A 169 -16.19 30.04 -8.81
C SER A 169 -17.18 31.16 -9.02
N GLN A 170 -18.42 30.92 -8.63
CA GLN A 170 -19.51 31.85 -8.85
C GLN A 170 -20.43 31.87 -7.65
N LEU A 171 -20.76 33.06 -7.14
CA LEU A 171 -21.87 33.17 -6.18
C LEU A 171 -23.18 32.97 -6.94
N ASP A 172 -23.87 31.87 -6.64
CA ASP A 172 -25.05 31.49 -7.40
C ASP A 172 -26.30 32.13 -6.83
N LYS A 173 -26.40 32.14 -5.52
CA LYS A 173 -27.55 32.76 -4.87
C LYS A 173 -27.30 33.05 -3.41
N VAL A 174 -28.12 33.95 -2.87
CA VAL A 174 -28.03 34.33 -1.48
C VAL A 174 -29.43 34.28 -0.91
N GLU A 175 -29.60 33.53 0.17
CA GLU A 175 -30.88 33.47 0.86
C GLU A 175 -30.61 33.81 2.31
N GLY A 176 -30.91 35.04 2.70
CA GLY A 176 -30.60 35.50 4.04
C GLY A 176 -29.12 35.50 4.34
N ARG A 177 -28.71 34.70 5.33
CA ARG A 177 -27.29 34.64 5.70
C ARG A 177 -26.59 33.55 4.92
N LYS A 178 -27.32 32.89 4.04
CA LYS A 178 -26.77 31.75 3.28
C LYS A 178 -26.21 32.16 1.91
N PHE A 179 -24.95 31.81 1.67
CA PHE A 179 -24.28 32.11 0.42
C PHE A 179 -23.96 30.81 -0.30
N PHE A 180 -24.59 30.60 -1.45
CA PHE A 180 -24.37 29.37 -2.21
C PHE A 180 -23.37 29.61 -3.33
N VAL A 181 -22.25 28.90 -3.29
CA VAL A 181 -21.16 29.16 -4.24
C VAL A 181 -20.75 27.85 -4.88
N SER A 182 -20.60 27.86 -6.20
CA SER A 182 -20.14 26.66 -6.90
C SER A 182 -18.88 26.96 -7.65
N CYS A 183 -18.20 25.89 -8.05
CA CYS A 183 -16.99 26.10 -8.84
C CYS A 183 -16.58 24.86 -9.60
N ASN A 184 -15.64 25.06 -10.51
CA ASN A 184 -14.98 23.94 -11.15
C ASN A 184 -13.49 24.16 -11.19
N VAL A 185 -12.75 23.07 -11.41
CA VAL A 185 -11.32 23.10 -11.46
C VAL A 185 -10.91 22.50 -12.79
N GLN A 186 -10.24 23.30 -13.61
CA GLN A 186 -9.89 22.87 -14.96
C GLN A 186 -8.44 23.11 -15.29
N SER A 187 -7.97 22.42 -16.31
CA SER A 187 -6.67 22.70 -16.90
C SER A 187 -6.65 24.13 -17.44
N VAL A 188 -5.45 24.66 -17.64
CA VAL A 188 -5.29 26.02 -18.15
C VAL A 188 -5.99 26.19 -19.49
N ASP A 189 -5.87 25.18 -20.35
CA ASP A 189 -6.49 25.25 -21.67
C ASP A 189 -7.99 24.88 -21.64
N GLU A 190 -8.49 24.56 -20.45
CA GLU A 190 -9.91 24.28 -20.25
C GLU A 190 -10.42 22.99 -20.93
N LYS A 191 -9.51 22.20 -21.48
CA LYS A 191 -9.90 20.94 -22.11
C LYS A 191 -10.05 19.80 -21.12
N THR A 192 -9.48 19.94 -19.93
CA THR A 192 -9.59 18.92 -18.89
C THR A 192 -10.33 19.43 -17.67
N LEU A 193 -11.36 18.69 -17.25
CA LEU A 193 -12.14 19.01 -16.06
C LEU A 193 -11.69 18.10 -14.92
N TYR A 194 -11.07 18.69 -13.91
CA TYR A 194 -10.53 17.93 -12.80
C TYR A 194 -11.53 17.70 -11.68
N SER A 195 -12.29 18.73 -11.33
CA SER A 195 -13.16 18.68 -10.16
C SER A 195 -14.29 19.66 -10.33
N GLU A 196 -15.39 19.40 -9.62
CA GLU A 196 -16.49 20.35 -9.52
C GLU A 196 -16.94 20.38 -8.07
N ALA A 197 -17.45 21.52 -7.60
CA ALA A 197 -17.90 21.55 -6.23
C ALA A 197 -19.05 22.51 -6.07
N THR A 198 -19.83 22.26 -5.04
CA THR A 198 -20.77 23.23 -4.51
C THR A 198 -20.39 23.52 -3.06
N SER A 199 -20.82 24.68 -2.55
CA SER A 199 -20.50 25.03 -1.18
C SER A 199 -21.59 25.92 -0.60
N LEU A 200 -21.62 25.99 0.73
CA LEU A 200 -22.55 26.86 1.44
C LEU A 200 -21.74 27.58 2.51
N PHE A 201 -21.82 28.91 2.49
CA PHE A 201 -21.15 29.72 3.48
C PHE A 201 -22.23 30.48 4.24
N ILE A 202 -21.98 30.73 5.52
CA ILE A 202 -22.93 31.44 6.36
C ILE A 202 -22.31 32.74 6.83
N LYS A 203 -23.03 33.84 6.63
CA LYS A 203 -22.50 35.14 7.05
C LYS A 203 -22.57 35.28 8.56
N LEU A 204 -21.43 35.61 9.16
CA LEU A 204 -21.36 35.80 10.60
C LEU A 204 -22.10 37.06 11.04
N ASN A 205 -22.78 36.96 12.17
CA ASN A 205 -23.44 38.11 12.79
C ASN A 205 -22.56 38.69 13.89
N LEU B 14 14.57 6.57 8.72
CA LEU B 14 13.23 6.01 8.84
C LEU B 14 12.52 6.52 10.08
N LYS B 15 11.65 7.51 9.89
CA LYS B 15 10.95 8.14 11.00
C LYS B 15 9.46 7.83 10.97
N ASP B 16 8.93 7.31 12.08
CA ASP B 16 7.49 7.12 12.23
C ASP B 16 6.89 8.33 12.92
N CYS B 17 6.02 9.05 12.21
CA CYS B 17 5.43 10.31 12.72
C CYS B 17 4.19 10.06 13.57
N SER B 18 3.73 8.82 13.60
CA SER B 18 2.48 8.51 14.33
C SER B 18 2.75 7.94 15.71
N VAL B 19 3.81 8.43 16.34
CA VAL B 19 4.11 8.16 17.74
C VAL B 19 4.38 9.49 18.38
N PRO B 20 4.31 9.56 19.72
CA PRO B 20 4.42 10.89 20.34
C PRO B 20 5.73 11.62 20.03
N ASN B 21 5.62 12.93 19.85
CA ASN B 21 6.80 13.81 19.86
C ASN B 21 6.49 14.97 20.81
N PRO B 22 7.47 15.84 21.08
CA PRO B 22 7.24 16.86 22.11
C PRO B 22 6.08 17.81 21.84
N SER B 23 5.65 17.92 20.58
CA SER B 23 4.59 18.85 20.25
C SER B 23 3.22 18.36 20.70
N TRP B 24 3.11 17.06 20.97
CA TRP B 24 1.81 16.48 21.30
C TRP B 24 1.23 17.04 22.58
N ASN B 25 -0.01 17.53 22.48
CA ASN B 25 -0.75 18.05 23.61
C ASN B 25 -1.20 16.94 24.57
N LYS B 26 -1.55 17.32 25.79
CA LYS B 26 -1.99 16.38 26.82
C LYS B 26 -3.15 15.49 26.35
N ASP B 27 -4.11 16.10 25.66
CA ASP B 27 -5.29 15.38 25.17
C ASP B 27 -4.93 14.33 24.12
N LEU B 28 -4.02 14.69 23.22
CA LEU B 28 -3.59 13.73 22.20
C LEU B 28 -2.86 12.56 22.84
N ARG B 29 -2.00 12.86 23.81
CA ARG B 29 -1.28 11.81 24.52
C ARG B 29 -2.24 10.87 25.26
N LEU B 30 -3.26 11.45 25.89
CA LEU B 30 -4.23 10.65 26.64
C LEU B 30 -4.98 9.67 25.74
N LEU B 31 -5.46 10.16 24.61
CA LEU B 31 -6.21 9.31 23.67
C LEU B 31 -5.30 8.27 23.03
N PHE B 32 -4.05 8.67 22.76
CA PHE B 32 -3.08 7.74 22.19
C PHE B 32 -2.89 6.55 23.13
N ASP B 33 -2.60 6.82 24.39
CA ASP B 33 -2.50 5.76 25.40
C ASP B 33 -3.74 4.88 25.45
N GLN B 34 -4.92 5.50 25.42
CA GLN B 34 -6.17 4.76 25.44
C GLN B 34 -6.30 3.84 24.23
N PHE B 35 -5.97 4.35 23.04
CA PHE B 35 -6.06 3.52 21.85
C PHE B 35 -4.96 2.46 21.80
N MET B 36 -3.79 2.74 22.37
CA MET B 36 -2.76 1.71 22.43
C MET B 36 -3.20 0.53 23.32
N LYS B 37 -3.97 0.84 24.34
CA LYS B 37 -4.55 -0.20 25.19
C LYS B 37 -5.52 -1.05 24.37
N LYS B 38 -6.32 -0.39 23.54
CA LYS B 38 -7.28 -1.10 22.69
C LYS B 38 -6.59 -2.03 21.70
N CYS B 39 -5.34 -1.75 21.36
CA CYS B 39 -4.59 -2.60 20.43
C CYS B 39 -4.11 -3.90 21.08
N GLU B 40 -4.11 -3.94 22.41
CA GLU B 40 -3.50 -5.07 23.11
C GLU B 40 -4.12 -6.44 22.78
N ASP B 41 -5.42 -6.47 22.49
CA ASP B 41 -6.07 -7.74 22.16
C ASP B 41 -6.15 -7.98 20.65
N GLY B 42 -5.48 -7.11 19.90
CA GLY B 42 -5.41 -7.26 18.45
C GLY B 42 -6.60 -6.79 17.63
N SER B 43 -7.62 -6.24 18.28
CA SER B 43 -8.80 -5.79 17.54
C SER B 43 -8.54 -4.45 16.87
N TRP B 44 -7.66 -3.66 17.48
CA TRP B 44 -7.19 -2.44 16.86
C TRP B 44 -5.70 -2.52 16.56
N LYS B 45 -5.27 -1.71 15.61
CA LYS B 45 -3.87 -1.65 15.20
C LYS B 45 -3.48 -0.22 14.90
N ARG B 46 -2.34 0.21 15.42
CA ARG B 46 -1.83 1.53 15.08
C ARG B 46 -1.13 1.50 13.73
N LEU B 47 -1.43 2.47 12.87
CA LEU B 47 -0.75 2.55 11.59
C LEU B 47 0.48 3.45 11.68
N PRO B 48 1.66 2.91 11.35
CA PRO B 48 2.83 3.79 11.26
C PRO B 48 2.65 4.80 10.11
N SER B 49 3.29 5.95 10.22
CA SER B 49 3.24 6.96 9.16
C SER B 49 4.63 7.51 8.91
N TYR B 50 5.28 6.99 7.87
CA TYR B 50 6.70 7.24 7.65
C TYR B 50 6.99 8.51 6.86
N LYS B 51 8.15 9.11 7.15
CA LYS B 51 8.67 10.23 6.36
C LYS B 51 10.20 10.26 6.38
N SER B 77 10.90 14.36 -6.99
CA SER B 77 12.06 14.10 -6.13
C SER B 77 11.96 14.88 -4.83
N GLN B 78 11.14 15.92 -4.84
CA GLN B 78 10.95 16.78 -3.68
C GLN B 78 9.60 16.46 -3.05
N ALA B 79 8.88 15.54 -3.67
CA ALA B 79 7.51 15.24 -3.25
C ALA B 79 7.45 14.71 -1.83
N GLN B 80 6.45 15.18 -1.09
CA GLN B 80 6.23 14.78 0.30
C GLN B 80 4.73 14.69 0.52
N LEU B 81 4.30 13.69 1.28
CA LEU B 81 2.90 13.59 1.66
C LEU B 81 2.48 14.86 2.37
N PHE B 82 1.41 15.46 1.88
CA PHE B 82 0.93 16.75 2.36
C PHE B 82 0.78 16.80 3.89
N THR B 83 0.16 15.77 4.45
CA THR B 83 -0.13 15.77 5.88
C THR B 83 1.14 15.56 6.74
N ARG B 84 2.25 15.18 6.11
CA ARG B 84 3.51 15.08 6.85
C ARG B 84 4.59 16.06 6.35
N SER B 85 4.16 17.19 5.78
N SER B 85 4.17 17.19 5.79
CA SER B 85 5.12 18.13 5.18
CA SER B 85 5.10 18.13 5.19
C SER B 85 5.47 19.32 6.07
C SER B 85 5.61 19.20 6.15
N PHE B 86 4.92 19.35 7.28
CA PHE B 86 5.28 20.39 8.26
C PHE B 86 6.22 19.80 9.30
N ASP B 87 7.08 20.64 9.88
CA ASP B 87 7.91 20.20 10.99
C ASP B 87 7.00 19.92 12.17
N ASP B 88 7.48 19.12 13.13
CA ASP B 88 6.67 18.70 14.25
C ASP B 88 5.94 19.87 14.91
N GLY B 89 4.67 19.67 15.24
CA GLY B 89 3.87 20.67 15.93
C GLY B 89 3.25 21.77 15.08
N LEU B 90 3.91 22.14 13.99
CA LEU B 90 3.50 23.29 13.20
C LEU B 90 2.28 23.04 12.34
N GLY B 91 2.14 21.80 11.87
CA GLY B 91 1.07 21.47 10.95
C GLY B 91 0.15 20.38 11.48
N PHE B 92 0.09 19.27 10.76
CA PHE B 92 -0.75 18.16 11.16
C PHE B 92 0.01 17.22 12.09
N GLU B 93 -0.48 17.08 13.31
CA GLU B 93 0.00 16.04 14.21
C GLU B 93 -1.11 15.00 14.35
N TYR B 94 -0.83 13.75 13.99
CA TYR B 94 -1.89 12.74 14.04
C TYR B 94 -1.38 11.32 14.12
N VAL B 95 -2.31 10.42 14.45
CA VAL B 95 -2.05 8.99 14.42
C VAL B 95 -3.37 8.29 14.15
N MET B 96 -3.31 7.26 13.30
CA MET B 96 -4.49 6.49 12.97
C MET B 96 -4.46 5.12 13.61
N PHE B 97 -5.63 4.72 14.12
CA PHE B 97 -5.87 3.37 14.62
C PHE B 97 -6.98 2.69 13.82
N TYR B 98 -6.76 1.44 13.42
CA TYR B 98 -7.69 0.76 12.54
C TYR B 98 -8.25 -0.51 13.20
N ASN B 99 -9.57 -0.67 13.08
CA ASN B 99 -10.24 -1.88 13.55
C ASN B 99 -10.83 -2.61 12.36
N ASP B 100 -10.18 -3.68 11.93
CA ASP B 100 -10.57 -4.33 10.69
C ASP B 100 -11.98 -4.95 10.73
N ILE B 101 -12.33 -5.55 11.85
CA ILE B 101 -13.64 -6.19 12.01
C ILE B 101 -14.76 -5.15 11.89
N GLU B 102 -14.56 -4.00 12.52
CA GLU B 102 -15.54 -2.92 12.46
C GLU B 102 -15.43 -2.07 11.18
N LYS B 103 -14.38 -2.31 10.40
CA LYS B 103 -14.03 -1.48 9.25
C LYS B 103 -14.04 -0.01 9.63
N ARG B 104 -13.37 0.30 10.74
CA ARG B 104 -13.39 1.62 11.32
C ARG B 104 -11.98 2.17 11.47
N MET B 105 -11.79 3.42 11.04
CA MET B 105 -10.50 4.07 11.18
C MET B 105 -10.70 5.30 12.04
N VAL B 106 -9.97 5.37 13.14
CA VAL B 106 -10.00 6.55 14.02
C VAL B 106 -8.69 7.31 13.87
N CYS B 107 -8.78 8.61 13.58
CA CYS B 107 -7.60 9.44 13.52
C CYS B 107 -7.61 10.43 14.66
N LEU B 108 -6.57 10.41 15.48
CA LEU B 108 -6.41 11.42 16.52
C LEU B 108 -5.60 12.54 15.92
N PHE B 109 -6.13 13.75 15.98
CA PHE B 109 -5.60 14.86 15.19
C PHE B 109 -5.49 16.15 15.98
N GLN B 110 -4.28 16.70 15.99
CA GLN B 110 -3.99 17.97 16.64
C GLN B 110 -3.51 18.95 15.58
N GLY B 111 -4.24 20.05 15.42
CA GLY B 111 -3.97 20.99 14.35
C GLY B 111 -3.09 22.16 14.77
N GLY B 112 -1.89 22.24 14.19
CA GLY B 112 -0.93 23.26 14.58
C GLY B 112 -1.19 24.65 14.02
N PRO B 113 -0.39 25.61 14.48
CA PRO B 113 -0.56 27.04 14.15
C PRO B 113 -0.50 27.34 12.65
N TYR B 114 0.24 26.56 11.87
CA TYR B 114 0.31 26.86 10.45
C TYR B 114 -0.94 26.40 9.70
N LEU B 115 -1.93 25.85 10.41
CA LEU B 115 -3.16 25.41 9.75
C LEU B 115 -4.29 26.44 9.87
N GLU B 116 -3.96 27.69 10.19
CA GLU B 116 -5.00 28.69 10.45
C GLU B 116 -5.75 29.13 9.19
N GLY B 117 -7.03 29.42 9.38
CA GLY B 117 -7.86 29.97 8.33
C GLY B 117 -8.46 31.24 8.89
N PRO B 118 -9.74 31.18 9.32
CA PRO B 118 -10.30 32.27 10.12
C PRO B 118 -9.42 32.46 11.35
N PRO B 119 -9.17 33.71 11.76
CA PRO B 119 -8.28 33.93 12.91
C PRO B 119 -8.63 33.07 14.12
N GLY B 120 -7.69 32.26 14.58
CA GLY B 120 -7.87 31.43 15.77
C GLY B 120 -8.45 30.05 15.48
N PHE B 121 -8.81 29.79 14.24
CA PHE B 121 -9.45 28.51 13.91
C PHE B 121 -8.72 27.76 12.81
N ILE B 122 -8.91 26.44 12.78
CA ILE B 122 -8.31 25.63 11.75
C ILE B 122 -9.04 25.87 10.42
N HIS B 123 -8.26 26.09 9.37
CA HIS B 123 -8.77 26.31 8.02
C HIS B 123 -9.69 25.16 7.59
N GLY B 124 -10.80 25.49 6.94
CA GLY B 124 -11.71 24.50 6.39
C GLY B 124 -11.01 23.45 5.55
N GLY B 125 -10.02 23.91 4.79
CA GLY B 125 -9.20 23.05 3.96
C GLY B 125 -8.32 22.06 4.71
N ALA B 126 -7.76 22.50 5.84
CA ALA B 126 -6.98 21.62 6.69
C ALA B 126 -7.86 20.54 7.31
N ILE B 127 -9.05 20.91 7.75
CA ILE B 127 -9.99 19.94 8.27
C ILE B 127 -10.38 18.95 7.16
N ALA B 128 -10.69 19.47 5.98
CA ALA B 128 -11.02 18.60 4.86
C ALA B 128 -9.85 17.65 4.56
N THR B 129 -8.63 18.15 4.75
CA THR B 129 -7.44 17.33 4.44
C THR B 129 -7.37 16.14 5.39
N MET B 130 -7.57 16.37 6.68
CA MET B 130 -7.54 15.26 7.64
C MET B 130 -8.74 14.33 7.50
N ILE B 131 -9.89 14.87 7.11
CA ILE B 131 -11.03 14.01 6.79
C ILE B 131 -10.66 13.13 5.60
N ASP B 132 -10.16 13.73 4.53
CA ASP B 132 -9.78 12.97 3.34
C ASP B 132 -8.78 11.88 3.71
N ALA B 133 -7.81 12.25 4.55
CA ALA B 133 -6.76 11.28 4.91
C ALA B 133 -7.36 10.10 5.67
N THR B 134 -8.33 10.38 6.52
CA THR B 134 -8.89 9.34 7.37
C THR B 134 -9.85 8.44 6.60
N VAL B 135 -10.80 9.04 5.90
CA VAL B 135 -11.75 8.22 5.14
C VAL B 135 -11.04 7.48 4.00
N GLY B 136 -10.06 8.13 3.41
CA GLY B 136 -9.24 7.52 2.36
C GLY B 136 -8.46 6.31 2.85
N MET B 137 -7.86 6.43 4.03
CA MET B 137 -7.15 5.29 4.59
C MET B 137 -8.14 4.17 4.95
N CYS B 138 -9.31 4.54 5.45
CA CYS B 138 -10.33 3.55 5.75
C CYS B 138 -10.73 2.75 4.50
N ALA B 139 -11.01 3.46 3.41
CA ALA B 139 -11.35 2.82 2.16
C ALA B 139 -10.23 1.93 1.63
N MET B 140 -8.99 2.41 1.75
N MET B 140 -9.00 2.42 1.75
CA MET B 140 -7.84 1.64 1.27
CA MET B 140 -7.84 1.65 1.29
C MET B 140 -7.64 0.34 2.06
C MET B 140 -7.76 0.33 2.05
N MET B 141 -7.89 0.38 3.36
CA MET B 141 -7.77 -0.83 4.19
C MET B 141 -8.78 -1.88 3.77
N ALA B 142 -9.93 -1.43 3.27
CA ALA B 142 -11.00 -2.34 2.85
C ALA B 142 -10.90 -2.77 1.39
N GLY B 143 -10.39 -1.89 0.53
CA GLY B 143 -10.48 -2.14 -0.89
C GLY B 143 -9.18 -2.04 -1.67
N GLY B 144 -8.08 -1.73 -1.01
CA GLY B 144 -6.83 -1.55 -1.71
C GLY B 144 -6.77 -0.17 -2.36
N ILE B 145 -5.98 -0.03 -3.41
CA ILE B 145 -5.80 1.27 -4.04
C ILE B 145 -7.10 1.78 -4.60
N VAL B 146 -7.55 2.94 -4.10
CA VAL B 146 -8.79 3.54 -4.57
C VAL B 146 -8.57 5.02 -4.84
N MET B 147 -9.34 5.55 -5.80
CA MET B 147 -9.36 6.98 -6.05
C MET B 147 -10.59 7.62 -5.42
N THR B 148 -10.39 8.79 -4.84
CA THR B 148 -11.44 9.58 -4.21
C THR B 148 -12.36 10.15 -5.28
N ALA B 149 -13.67 9.93 -5.14
CA ALA B 149 -14.61 10.40 -6.15
C ALA B 149 -15.47 11.56 -5.65
N ASN B 150 -15.84 11.51 -4.38
CA ASN B 150 -16.66 12.56 -3.74
C ASN B 150 -16.27 12.73 -2.28
N LEU B 151 -16.25 13.97 -1.83
CA LEU B 151 -16.09 14.29 -0.42
C LEU B 151 -17.11 15.37 -0.09
N ASN B 152 -17.98 15.10 0.86
CA ASN B 152 -19.08 16.02 1.19
C ASN B 152 -19.03 16.31 2.68
N ILE B 153 -18.63 17.52 3.05
CA ILE B 153 -18.34 17.83 4.45
C ILE B 153 -19.32 18.87 4.99
N ASN B 154 -19.95 18.55 6.11
CA ASN B 154 -20.74 19.53 6.85
C ASN B 154 -19.93 20.05 8.02
N TYR B 155 -19.63 21.35 7.97
CA TYR B 155 -18.90 21.99 9.05
C TYR B 155 -19.89 22.57 10.04
N LYS B 156 -19.99 21.96 11.22
CA LYS B 156 -21.01 22.32 12.20
C LYS B 156 -20.55 23.41 13.17
N ARG B 157 -19.31 23.25 13.64
CA ARG B 157 -18.70 24.16 14.60
C ARG B 157 -17.24 24.31 14.21
N PRO B 158 -16.70 25.53 14.32
CA PRO B 158 -15.29 25.73 13.95
C PRO B 158 -14.37 25.13 14.99
N ILE B 159 -13.20 24.65 14.55
CA ILE B 159 -12.26 24.01 15.44
C ILE B 159 -11.13 24.97 15.83
N PRO B 160 -10.96 25.23 17.13
CA PRO B 160 -9.90 26.13 17.59
C PRO B 160 -8.52 25.65 17.17
N LEU B 161 -7.66 26.59 16.80
CA LEU B 161 -6.27 26.24 16.52
C LEU B 161 -5.70 25.47 17.71
N CYS B 162 -4.83 24.51 17.43
CA CYS B 162 -4.14 23.73 18.46
C CYS B 162 -5.07 22.85 19.31
N SER B 163 -6.26 22.57 18.79
CA SER B 163 -7.19 21.66 19.45
C SER B 163 -6.82 20.23 19.11
N VAL B 164 -7.29 19.29 19.92
CA VAL B 164 -7.21 17.89 19.58
C VAL B 164 -8.62 17.41 19.31
N VAL B 165 -8.79 16.71 18.19
CA VAL B 165 -10.09 16.14 17.85
C VAL B 165 -9.91 14.68 17.48
N MET B 166 -11.02 13.95 17.50
N MET B 166 -11.01 13.94 17.57
CA MET B 166 -11.05 12.56 17.09
CA MET B 166 -11.05 12.59 17.05
C MET B 166 -11.90 12.44 15.82
C MET B 166 -11.84 12.59 15.75
N ILE B 167 -11.30 11.92 14.75
CA ILE B 167 -12.01 11.73 13.50
C ILE B 167 -12.37 10.25 13.41
N ASN B 168 -13.64 9.93 13.61
CA ASN B 168 -14.09 8.54 13.61
C ASN B 168 -14.72 8.23 12.26
N SER B 169 -14.05 7.40 11.44
CA SER B 169 -14.60 7.01 10.15
C SER B 169 -14.97 5.53 10.10
N GLN B 170 -15.88 5.18 9.20
CA GLN B 170 -16.37 3.82 9.10
C GLN B 170 -16.80 3.55 7.68
N LEU B 171 -16.45 2.37 7.17
CA LEU B 171 -16.97 1.91 5.89
C LEU B 171 -18.44 1.55 6.07
N ASP B 172 -19.31 2.18 5.28
CA ASP B 172 -20.75 2.01 5.45
C ASP B 172 -21.29 0.95 4.50
N LYS B 173 -20.76 0.93 3.30
CA LYS B 173 -21.14 -0.13 2.36
C LYS B 173 -20.21 -0.18 1.17
N VAL B 174 -20.19 -1.34 0.53
CA VAL B 174 -19.45 -1.54 -0.70
C VAL B 174 -20.44 -1.99 -1.77
N GLU B 175 -20.43 -1.32 -2.91
CA GLU B 175 -21.25 -1.71 -4.06
C GLU B 175 -20.35 -1.86 -5.28
N GLY B 176 -19.98 -3.10 -5.59
CA GLY B 176 -19.04 -3.35 -6.65
C GLY B 176 -17.71 -2.70 -6.34
N ARG B 177 -17.35 -1.71 -7.14
CA ARG B 177 -16.10 -0.99 -6.95
C ARG B 177 -16.28 0.30 -6.14
N LYS B 178 -17.50 0.56 -5.67
CA LYS B 178 -17.78 1.77 -4.90
C LYS B 178 -17.68 1.51 -3.41
N PHE B 179 -16.89 2.33 -2.73
CA PHE B 179 -16.69 2.24 -1.29
C PHE B 179 -17.21 3.51 -0.64
N PHE B 180 -18.25 3.39 0.18
CA PHE B 180 -18.87 4.54 0.83
C PHE B 180 -18.41 4.63 2.28
N VAL B 181 -17.80 5.75 2.64
CA VAL B 181 -17.23 5.92 3.99
C VAL B 181 -17.77 7.20 4.60
N SER B 182 -18.19 7.15 5.85
CA SER B 182 -18.59 8.37 6.52
C SER B 182 -17.71 8.63 7.73
N CYS B 183 -17.78 9.85 8.25
CA CYS B 183 -17.03 10.12 9.47
C CYS B 183 -17.62 11.27 10.24
N ASN B 184 -17.18 11.38 11.48
N ASN B 184 -17.18 11.41 11.48
CA ASN B 184 -17.46 12.53 12.31
CA ASN B 184 -17.50 12.59 12.28
C ASN B 184 -16.14 13.10 12.79
C ASN B 184 -16.27 13.05 13.05
N VAL B 185 -16.18 14.36 13.25
CA VAL B 185 -15.03 14.97 13.88
C VAL B 185 -15.54 15.52 15.19
N GLN B 186 -14.98 15.06 16.30
CA GLN B 186 -15.51 15.38 17.61
C GLN B 186 -14.40 15.76 18.56
N SER B 187 -14.79 16.49 19.59
CA SER B 187 -13.91 16.78 20.71
C SER B 187 -13.52 15.49 21.43
N VAL B 188 -12.49 15.58 22.26
CA VAL B 188 -11.99 14.46 23.04
C VAL B 188 -13.07 13.85 23.95
N ASP B 189 -13.92 14.71 24.51
CA ASP B 189 -14.98 14.21 25.37
C ASP B 189 -16.27 13.83 24.63
N GLU B 190 -16.23 13.96 23.31
CA GLU B 190 -17.29 13.50 22.40
C GLU B 190 -18.58 14.36 22.43
N LYS B 191 -18.58 15.38 23.28
CA LYS B 191 -19.75 16.24 23.45
C LYS B 191 -19.88 17.29 22.33
N THR B 192 -18.76 17.67 21.72
CA THR B 192 -18.78 18.66 20.65
C THR B 192 -18.59 18.01 19.29
N LEU B 193 -19.61 18.16 18.45
CA LEU B 193 -19.51 17.67 17.08
C LEU B 193 -19.07 18.82 16.18
N TYR B 194 -17.85 18.72 15.65
CA TYR B 194 -17.32 19.81 14.84
C TYR B 194 -17.74 19.66 13.39
N SER B 195 -17.68 18.45 12.87
CA SER B 195 -17.95 18.23 11.46
C SER B 195 -18.42 16.82 11.22
N GLU B 196 -19.09 16.63 10.10
CA GLU B 196 -19.51 15.31 9.63
C GLU B 196 -19.27 15.27 8.13
N ALA B 197 -18.97 14.09 7.60
CA ALA B 197 -18.69 13.98 6.19
C ALA B 197 -19.12 12.63 5.64
N THR B 198 -19.42 12.62 4.35
CA THR B 198 -19.55 11.38 3.60
C THR B 198 -18.57 11.40 2.45
N SER B 199 -18.18 10.23 1.98
CA SER B 199 -17.23 10.17 0.89
C SER B 199 -17.45 8.92 0.05
N LEU B 200 -17.00 8.99 -1.20
CA LEU B 200 -17.09 7.85 -2.10
C LEU B 200 -15.74 7.63 -2.72
N PHE B 201 -15.31 6.39 -2.73
CA PHE B 201 -14.03 5.98 -3.32
C PHE B 201 -14.30 4.91 -4.37
N ILE B 202 -13.51 4.91 -5.43
CA ILE B 202 -13.72 3.95 -6.50
C ILE B 202 -12.48 3.10 -6.67
N LYS B 203 -12.67 1.80 -6.70
CA LYS B 203 -11.57 0.86 -6.86
C LYS B 203 -10.95 0.96 -8.25
N LEU B 204 -9.69 1.36 -8.30
CA LEU B 204 -8.94 1.41 -9.54
C LEU B 204 -8.73 0.01 -10.12
N LEU C 14 -19.00 -20.94 -2.45
CA LEU C 14 -18.23 -21.98 -1.76
C LEU C 14 -17.61 -22.97 -2.75
N LYS C 15 -16.37 -22.72 -3.14
CA LYS C 15 -15.70 -23.52 -4.15
C LYS C 15 -14.62 -24.39 -3.51
N ASP C 16 -14.70 -25.70 -3.74
CA ASP C 16 -13.65 -26.62 -3.33
C ASP C 16 -12.71 -26.79 -4.52
N CYS C 17 -11.45 -26.38 -4.35
CA CYS C 17 -10.48 -26.41 -5.44
C CYS C 17 -9.74 -27.74 -5.54
N SER C 18 -9.95 -28.62 -4.57
CA SER C 18 -9.27 -29.90 -4.52
C SER C 18 -10.07 -31.03 -5.14
N VAL C 19 -10.86 -30.68 -6.15
CA VAL C 19 -11.60 -31.63 -6.96
C VAL C 19 -11.27 -31.29 -8.40
N PRO C 20 -11.43 -32.25 -9.32
CA PRO C 20 -11.00 -31.98 -10.69
C PRO C 20 -11.71 -30.78 -11.32
N ASN C 21 -10.98 -30.06 -12.15
CA ASN C 21 -11.57 -29.06 -13.04
C ASN C 21 -10.97 -29.28 -14.43
N PRO C 22 -11.52 -28.61 -15.45
CA PRO C 22 -11.08 -28.87 -16.82
C PRO C 22 -9.58 -28.72 -17.09
N SER C 23 -8.85 -28.05 -16.22
CA SER C 23 -7.43 -27.82 -16.49
C SER C 23 -6.57 -29.01 -16.07
N TRP C 24 -7.14 -29.89 -15.27
CA TRP C 24 -6.42 -31.06 -14.79
C TRP C 24 -5.98 -32.01 -15.92
N ASN C 25 -4.69 -32.33 -15.95
CA ASN C 25 -4.14 -33.28 -16.90
C ASN C 25 -4.61 -34.72 -16.64
N LYS C 26 -4.42 -35.59 -17.62
CA LYS C 26 -4.82 -37.00 -17.48
C LYS C 26 -4.15 -37.69 -16.29
N ASP C 27 -2.88 -37.39 -16.08
CA ASP C 27 -2.12 -37.99 -14.98
C ASP C 27 -2.65 -37.60 -13.62
N LEU C 28 -2.94 -36.32 -13.45
CA LEU C 28 -3.51 -35.84 -12.20
C LEU C 28 -4.89 -36.45 -11.93
N ARG C 29 -5.69 -36.59 -12.98
CA ARG C 29 -6.99 -37.24 -12.84
C ARG C 29 -6.87 -38.69 -12.40
N LEU C 30 -5.94 -39.43 -13.00
CA LEU C 30 -5.79 -40.84 -12.66
C LEU C 30 -5.34 -41.01 -11.21
N LEU C 31 -4.32 -40.24 -10.82
CA LEU C 31 -3.83 -40.28 -9.44
C LEU C 31 -4.95 -39.88 -8.48
N PHE C 32 -5.72 -38.88 -8.87
CA PHE C 32 -6.86 -38.46 -8.05
C PHE C 32 -7.84 -39.62 -7.85
N ASP C 33 -8.22 -40.28 -8.95
CA ASP C 33 -9.11 -41.43 -8.85
C ASP C 33 -8.52 -42.54 -7.98
N GLN C 34 -7.23 -42.80 -8.14
CA GLN C 34 -6.57 -43.84 -7.35
C GLN C 34 -6.62 -43.51 -5.86
N PHE C 35 -6.33 -42.26 -5.51
CA PHE C 35 -6.35 -41.90 -4.11
C PHE C 35 -7.77 -41.84 -3.55
N MET C 36 -8.74 -41.51 -4.39
CA MET C 36 -10.12 -41.57 -3.94
C MET C 36 -10.52 -43.02 -3.63
N LYS C 37 -9.98 -43.96 -4.40
CA LYS C 37 -10.20 -45.37 -4.12
C LYS C 37 -9.64 -45.76 -2.74
N LYS C 38 -8.44 -45.26 -2.43
CA LYS C 38 -7.80 -45.52 -1.14
C LYS C 38 -8.57 -44.93 0.03
N CYS C 39 -9.41 -43.93 -0.24
CA CYS C 39 -10.21 -43.31 0.83
C CYS C 39 -11.38 -44.19 1.25
N GLU C 40 -11.84 -45.07 0.36
CA GLU C 40 -13.06 -45.82 0.60
C GLU C 40 -13.07 -46.64 1.90
N ASP C 41 -11.91 -47.16 2.30
CA ASP C 41 -11.85 -47.95 3.53
C ASP C 41 -11.54 -47.07 4.76
N GLY C 42 -11.45 -45.77 4.53
CA GLY C 42 -11.29 -44.81 5.61
C GLY C 42 -9.86 -44.58 6.07
N SER C 43 -8.89 -45.25 5.45
CA SER C 43 -7.51 -45.08 5.86
C SER C 43 -6.91 -43.78 5.33
N TRP C 44 -7.44 -43.32 4.20
CA TRP C 44 -7.09 -42.02 3.65
C TRP C 44 -8.31 -41.12 3.59
N LYS C 45 -8.06 -39.82 3.58
CA LYS C 45 -9.12 -38.83 3.48
C LYS C 45 -8.67 -37.66 2.60
N ARG C 46 -9.55 -37.22 1.70
CA ARG C 46 -9.24 -36.06 0.88
C ARG C 46 -9.51 -34.78 1.66
N LEU C 47 -8.59 -33.84 1.57
CA LEU C 47 -8.77 -32.53 2.21
C LEU C 47 -9.39 -31.55 1.23
N PRO C 48 -10.55 -30.98 1.56
CA PRO C 48 -11.05 -29.88 0.74
C PRO C 48 -10.15 -28.66 0.87
N SER C 49 -10.14 -27.83 -0.16
CA SER C 49 -9.38 -26.59 -0.15
C SER C 49 -10.29 -25.51 -0.69
N TYR C 50 -10.82 -24.68 0.20
CA TYR C 50 -11.89 -23.77 -0.17
C TYR C 50 -11.40 -22.43 -0.68
N LYS C 51 -12.16 -21.88 -1.61
CA LYS C 51 -11.87 -20.58 -2.21
C LYS C 51 -13.17 -19.79 -2.38
N ARG C 52 -13.07 -18.47 -2.26
CA ARG C 52 -14.24 -17.62 -2.43
C ARG C 52 -14.71 -17.61 -3.88
N THR C 53 -16.00 -17.81 -4.10
CA THR C 53 -16.58 -17.79 -5.44
C THR C 53 -16.83 -16.37 -5.92
N SER C 77 -8.11 -8.49 3.99
CA SER C 77 -9.28 -7.93 3.32
C SER C 77 -9.34 -8.39 1.87
N GLN C 78 -8.23 -8.21 1.17
CA GLN C 78 -8.09 -8.77 -0.18
C GLN C 78 -7.25 -10.03 -0.09
N ALA C 79 -6.91 -10.44 1.13
CA ALA C 79 -6.05 -11.58 1.36
C ALA C 79 -6.60 -12.85 0.73
N GLN C 80 -5.69 -13.71 0.30
CA GLN C 80 -6.05 -14.96 -0.35
C GLN C 80 -4.88 -15.92 -0.20
N LEU C 81 -5.20 -17.19 0.07
CA LEU C 81 -4.17 -18.20 0.20
C LEU C 81 -3.35 -18.26 -1.08
N PHE C 82 -2.05 -18.11 -0.92
CA PHE C 82 -1.11 -18.03 -2.04
C PHE C 82 -1.32 -19.15 -3.08
N THR C 83 -1.47 -20.37 -2.60
CA THR C 83 -1.55 -21.52 -3.50
C THR C 83 -2.89 -21.60 -4.24
N ARG C 84 -3.86 -20.78 -3.83
CA ARG C 84 -5.13 -20.74 -4.52
C ARG C 84 -5.43 -19.36 -5.10
N SER C 85 -4.39 -18.60 -5.41
N SER C 85 -4.39 -18.60 -5.41
CA SER C 85 -4.55 -17.21 -5.85
CA SER C 85 -4.57 -17.21 -5.85
C SER C 85 -4.53 -17.04 -7.37
C SER C 85 -4.60 -17.06 -7.37
N PHE C 86 -4.32 -18.14 -8.09
CA PHE C 86 -4.35 -18.12 -9.55
C PHE C 86 -5.65 -18.68 -10.06
N ASP C 87 -6.08 -18.27 -11.24
CA ASP C 87 -7.25 -18.87 -11.87
C ASP C 87 -6.96 -20.33 -12.22
N ASP C 88 -8.02 -21.13 -12.32
CA ASP C 88 -7.85 -22.55 -12.63
C ASP C 88 -6.86 -22.77 -13.78
N GLY C 89 -5.91 -23.67 -13.56
CA GLY C 89 -4.97 -24.06 -14.60
C GLY C 89 -3.68 -23.28 -14.72
N LEU C 90 -3.71 -21.99 -14.35
CA LEU C 90 -2.56 -21.12 -14.58
C LEU C 90 -1.48 -21.25 -13.52
N GLY C 91 -1.90 -21.55 -12.29
CA GLY C 91 -0.97 -21.55 -11.18
C GLY C 91 -0.79 -22.93 -10.55
N PHE C 92 -1.17 -23.05 -9.29
CA PHE C 92 -1.10 -24.34 -8.60
C PHE C 92 -2.41 -25.09 -8.72
N GLU C 93 -2.36 -26.27 -9.34
CA GLU C 93 -3.47 -27.20 -9.28
C GLU C 93 -3.06 -28.36 -8.39
N TYR C 94 -3.84 -28.61 -7.35
CA TYR C 94 -3.47 -29.66 -6.41
C TYR C 94 -4.62 -30.18 -5.56
N VAL C 95 -4.36 -31.32 -4.92
CA VAL C 95 -5.28 -31.92 -3.96
C VAL C 95 -4.44 -32.73 -2.99
N MET C 96 -4.80 -32.66 -1.71
CA MET C 96 -4.09 -33.37 -0.67
C MET C 96 -4.93 -34.52 -0.13
N PHE C 97 -4.25 -35.65 0.09
CA PHE C 97 -4.81 -36.82 0.76
C PHE C 97 -4.01 -37.17 2.02
N TYR C 98 -4.71 -37.36 3.12
CA TYR C 98 -4.05 -37.60 4.40
C TYR C 98 -4.35 -38.98 4.95
N ASN C 99 -3.31 -39.63 5.47
CA ASN C 99 -3.44 -40.92 6.15
C ASN C 99 -3.04 -40.73 7.60
N ASP C 100 -4.02 -40.68 8.50
CA ASP C 100 -3.73 -40.40 9.90
C ASP C 100 -2.84 -41.43 10.57
N ILE C 101 -3.13 -42.70 10.34
CA ILE C 101 -2.36 -43.77 10.96
C ILE C 101 -0.89 -43.70 10.55
N GLU C 102 -0.67 -43.42 9.26
CA GLU C 102 0.69 -43.30 8.74
C GLU C 102 1.33 -41.95 9.02
N LYS C 103 0.54 -41.01 9.54
CA LYS C 103 0.93 -39.60 9.67
C LYS C 103 1.56 -39.08 8.38
N ARG C 104 0.86 -39.31 7.27
CA ARG C 104 1.40 -39.11 5.93
C ARG C 104 0.47 -38.22 5.10
N MET C 105 1.03 -37.19 4.51
CA MET C 105 0.26 -36.33 3.61
C MET C 105 0.83 -36.41 2.21
N VAL C 106 -0.01 -36.84 1.26
CA VAL C 106 0.38 -36.83 -0.15
C VAL C 106 -0.34 -35.70 -0.87
N CYS C 107 0.43 -34.89 -1.58
CA CYS C 107 -0.13 -33.83 -2.41
C CYS C 107 0.10 -34.15 -3.87
N LEU C 108 -0.99 -34.23 -4.64
CA LEU C 108 -0.91 -34.38 -6.07
C LEU C 108 -0.89 -32.97 -6.68
N PHE C 109 0.13 -32.67 -7.46
CA PHE C 109 0.40 -31.28 -7.86
C PHE C 109 0.74 -31.14 -9.34
N GLN C 110 -0.03 -30.30 -10.02
CA GLN C 110 0.21 -29.96 -11.41
C GLN C 110 0.54 -28.47 -11.51
N GLY C 111 1.75 -28.17 -12.00
CA GLY C 111 2.23 -26.80 -12.00
C GLY C 111 1.98 -26.06 -13.30
N GLY C 112 1.24 -24.95 -13.22
CA GLY C 112 0.83 -24.23 -14.42
C GLY C 112 1.86 -23.28 -14.99
N PRO C 113 1.54 -22.68 -16.15
CA PRO C 113 2.45 -21.82 -16.91
C PRO C 113 2.94 -20.60 -16.14
N TYR C 114 2.10 -20.07 -15.24
CA TYR C 114 2.51 -18.91 -14.45
C TYR C 114 3.51 -19.23 -13.34
N LEU C 115 3.92 -20.49 -13.23
CA LEU C 115 4.87 -20.88 -12.18
C LEU C 115 6.33 -20.94 -12.67
N GLU C 116 6.59 -20.38 -13.86
CA GLU C 116 7.89 -20.54 -14.50
C GLU C 116 9.04 -19.82 -13.79
N GLY C 117 10.22 -20.43 -13.86
CA GLY C 117 11.44 -19.85 -13.33
C GLY C 117 12.41 -19.83 -14.50
N PRO C 118 13.33 -20.81 -14.55
CA PRO C 118 14.10 -21.00 -15.77
C PRO C 118 13.16 -21.37 -16.92
N PRO C 119 13.48 -20.92 -18.14
CA PRO C 119 12.64 -21.19 -19.31
C PRO C 119 12.21 -22.66 -19.41
N GLY C 120 10.92 -22.93 -19.21
CA GLY C 120 10.38 -24.27 -19.36
C GLY C 120 10.33 -25.09 -18.08
N PHE C 121 10.76 -24.51 -16.96
CA PHE C 121 10.75 -25.25 -15.71
C PHE C 121 10.02 -24.52 -14.60
N ILE C 122 9.52 -25.28 -13.63
CA ILE C 122 8.88 -24.68 -12.47
C ILE C 122 9.91 -23.97 -11.59
N HIS C 123 9.61 -22.72 -11.27
CA HIS C 123 10.44 -21.92 -10.39
C HIS C 123 10.70 -22.66 -9.08
N GLY C 124 11.93 -22.56 -8.60
CA GLY C 124 12.33 -23.20 -7.35
C GLY C 124 11.47 -22.78 -6.19
N GLY C 125 11.04 -21.52 -6.22
CA GLY C 125 10.14 -21.01 -5.21
C GLY C 125 8.74 -21.59 -5.27
N ALA C 126 8.25 -21.89 -6.47
CA ALA C 126 6.94 -22.50 -6.61
C ALA C 126 6.97 -23.94 -6.05
N ILE C 127 8.04 -24.67 -6.36
CA ILE C 127 8.26 -25.97 -5.76
C ILE C 127 8.33 -25.86 -4.25
N ALA C 128 9.10 -24.88 -3.77
CA ALA C 128 9.25 -24.70 -2.33
C ALA C 128 7.88 -24.42 -1.71
N THR C 129 7.04 -23.70 -2.45
CA THR C 129 5.72 -23.33 -1.91
C THR C 129 4.84 -24.57 -1.75
N MET C 130 4.87 -25.47 -2.72
CA MET C 130 4.06 -26.68 -2.60
C MET C 130 4.65 -27.65 -1.58
N ILE C 131 5.97 -27.67 -1.45
CA ILE C 131 6.59 -28.44 -0.36
C ILE C 131 6.10 -27.88 0.98
N ASP C 132 6.23 -26.58 1.16
CA ASP C 132 5.78 -25.92 2.37
C ASP C 132 4.31 -26.23 2.65
N ALA C 133 3.47 -26.18 1.63
CA ALA C 133 2.03 -26.39 1.84
C ALA C 133 1.78 -27.80 2.34
N THR C 134 2.51 -28.74 1.78
CA THR C 134 2.29 -30.17 2.06
C THR C 134 2.85 -30.55 3.42
N VAL C 135 4.11 -30.21 3.68
CA VAL C 135 4.69 -30.53 4.99
C VAL C 135 4.00 -29.77 6.13
N GLY C 136 3.58 -28.54 5.85
CA GLY C 136 2.85 -27.74 6.81
C GLY C 136 1.51 -28.34 7.18
N MET C 137 0.81 -28.87 6.18
CA MET C 137 -0.51 -29.45 6.42
C MET C 137 -0.34 -30.77 7.18
N CYS C 138 0.71 -31.51 6.85
CA CYS C 138 1.04 -32.73 7.56
C CYS C 138 1.31 -32.44 9.05
N ALA C 139 2.10 -31.42 9.33
CA ALA C 139 2.37 -31.03 10.71
C ALA C 139 1.10 -30.59 11.44
N MET C 140 0.27 -29.81 10.75
N MET C 140 0.28 -29.81 10.75
CA MET C 140 -0.96 -29.30 11.35
CA MET C 140 -0.96 -29.32 11.35
C MET C 140 -1.96 -30.42 11.68
C MET C 140 -1.90 -30.46 11.72
N MET C 141 -2.00 -31.45 10.83
CA MET C 141 -2.89 -32.58 11.09
C MET C 141 -2.46 -33.32 12.35
N ALA C 142 -1.17 -33.29 12.62
CA ALA C 142 -0.59 -33.98 13.77
C ALA C 142 -0.55 -33.12 15.03
N GLY C 143 -0.31 -31.82 14.88
CA GLY C 143 -0.02 -30.99 16.02
C GLY C 143 -0.93 -29.79 16.21
N GLY C 144 -1.86 -29.60 15.27
CA GLY C 144 -2.71 -28.42 15.30
C GLY C 144 -1.94 -27.21 14.79
N ILE C 145 -2.29 -26.03 15.29
CA ILE C 145 -1.63 -24.81 14.81
C ILE C 145 -0.15 -24.80 15.17
N VAL C 146 0.70 -24.81 14.15
CA VAL C 146 2.14 -24.81 14.34
C VAL C 146 2.81 -23.71 13.49
N MET C 147 3.94 -23.21 13.96
CA MET C 147 4.73 -22.27 13.16
C MET C 147 5.90 -22.99 12.49
N THR C 148 6.15 -22.63 11.24
CA THR C 148 7.28 -23.16 10.48
C THR C 148 8.59 -22.59 10.98
N ALA C 149 9.53 -23.46 11.33
CA ALA C 149 10.81 -23.02 11.90
C ALA C 149 11.97 -23.19 10.91
N ASN C 150 11.93 -24.28 10.16
CA ASN C 150 12.98 -24.57 9.16
C ASN C 150 12.40 -25.29 7.97
N LEU C 151 12.90 -24.94 6.79
CA LEU C 151 12.61 -25.67 5.56
C LEU C 151 13.93 -25.86 4.84
N ASN C 152 14.31 -27.11 4.59
CA ASN C 152 15.60 -27.44 3.97
C ASN C 152 15.32 -28.31 2.74
N ILE C 153 15.55 -27.74 1.56
CA ILE C 153 15.17 -28.40 0.32
C ILE C 153 16.38 -28.73 -0.56
N ASN C 154 16.47 -29.98 -0.94
CA ASN C 154 17.47 -30.39 -1.93
C ASN C 154 16.78 -30.54 -3.27
N TYR C 155 17.16 -29.70 -4.22
CA TYR C 155 16.62 -29.79 -5.56
C TYR C 155 17.50 -30.71 -6.38
N LYS C 156 16.99 -31.88 -6.72
CA LYS C 156 17.83 -32.87 -7.40
C LYS C 156 17.74 -32.78 -8.92
N ARG C 157 16.52 -32.61 -9.42
CA ARG C 157 16.22 -32.53 -10.85
C ARG C 157 15.17 -31.46 -11.08
N PRO C 158 15.33 -30.64 -12.14
CA PRO C 158 14.33 -29.61 -12.43
C PRO C 158 13.01 -30.21 -12.90
N ILE C 159 11.90 -29.57 -12.54
CA ILE C 159 10.58 -30.06 -12.92
C ILE C 159 10.02 -29.31 -14.13
N PRO C 160 9.79 -30.02 -15.24
CA PRO C 160 9.24 -29.38 -16.43
C PRO C 160 7.95 -28.63 -16.09
N LEU C 161 7.78 -27.45 -16.67
CA LEU C 161 6.52 -26.72 -16.53
C LEU C 161 5.36 -27.63 -16.91
N CYS C 162 4.24 -27.48 -16.22
CA CYS C 162 3.04 -28.26 -16.50
C CYS C 162 3.17 -29.76 -16.19
N SER C 163 4.14 -30.12 -15.36
CA SER C 163 4.31 -31.50 -14.94
C SER C 163 3.30 -31.85 -13.86
N VAL C 164 3.03 -33.14 -13.71
CA VAL C 164 2.32 -33.65 -12.55
C VAL C 164 3.33 -34.38 -11.66
N VAL C 165 3.38 -34.02 -10.39
CA VAL C 165 4.26 -34.67 -9.44
C VAL C 165 3.49 -35.10 -8.21
N MET C 166 4.04 -36.06 -7.47
CA MET C 166 3.52 -36.43 -6.15
C MET C 166 4.47 -35.90 -5.09
N ILE C 167 3.92 -35.18 -4.13
CA ILE C 167 4.69 -34.73 -2.96
C ILE C 167 4.29 -35.62 -1.79
N ASN C 168 5.19 -36.52 -1.40
CA ASN C 168 4.89 -37.47 -0.36
C ASN C 168 5.56 -37.05 0.93
N SER C 169 4.78 -36.59 1.90
CA SER C 169 5.33 -36.12 3.16
C SER C 169 4.92 -37.02 4.32
N GLN C 170 5.72 -37.00 5.39
CA GLN C 170 5.47 -37.86 6.53
C GLN C 170 6.05 -37.23 7.79
N LEU C 171 5.30 -37.34 8.88
CA LEU C 171 5.79 -36.93 10.19
C LEU C 171 6.80 -37.95 10.69
N ASP C 172 8.03 -37.52 10.91
CA ASP C 172 9.09 -38.45 11.28
C ASP C 172 9.24 -38.62 12.78
N LYS C 173 9.03 -37.54 13.53
CA LYS C 173 9.09 -37.64 14.97
C LYS C 173 8.58 -36.37 15.61
N VAL C 174 8.20 -36.49 16.88
CA VAL C 174 7.74 -35.36 17.66
C VAL C 174 8.58 -35.33 18.91
N GLU C 175 9.18 -34.18 19.20
CA GLU C 175 9.91 -34.00 20.46
C GLU C 175 9.34 -32.79 21.18
N GLY C 176 8.48 -33.04 22.16
CA GLY C 176 7.81 -31.96 22.85
C GLY C 176 6.96 -31.18 21.87
N ARG C 177 7.29 -29.90 21.67
CA ARG C 177 6.53 -29.06 20.75
C ARG C 177 7.13 -29.05 19.34
N LYS C 178 8.16 -29.86 19.12
CA LYS C 178 8.82 -29.92 17.83
C LYS C 178 8.26 -31.04 16.95
N PHE C 179 7.88 -30.68 15.72
CA PHE C 179 7.36 -31.65 14.76
C PHE C 179 8.28 -31.69 13.54
N PHE C 180 8.91 -32.84 13.32
CA PHE C 180 9.85 -32.99 12.21
C PHE C 180 9.17 -33.73 11.07
N VAL C 181 9.11 -33.11 9.91
CA VAL C 181 8.42 -33.68 8.76
C VAL C 181 9.37 -33.72 7.59
N SER C 182 9.43 -34.83 6.86
CA SER C 182 10.23 -34.87 5.66
C SER C 182 9.33 -35.12 4.45
N CYS C 183 9.86 -34.90 3.26
CA CYS C 183 9.08 -35.23 2.07
C CYS C 183 9.96 -35.45 0.86
N ASN C 184 9.39 -36.09 -0.16
CA ASN C 184 10.00 -36.10 -1.46
C ASN C 184 9.03 -35.63 -2.54
N VAL C 185 9.57 -35.20 -3.67
CA VAL C 185 8.78 -34.80 -4.82
C VAL C 185 9.18 -35.72 -5.96
N GLN C 186 8.22 -36.49 -6.47
CA GLN C 186 8.52 -37.53 -7.44
C GLN C 186 7.58 -37.46 -8.62
N SER C 187 8.04 -38.00 -9.74
CA SER C 187 7.19 -38.23 -10.91
C SER C 187 6.05 -39.19 -10.57
N VAL C 188 5.05 -39.23 -11.44
CA VAL C 188 3.91 -40.12 -11.28
C VAL C 188 4.35 -41.59 -11.19
N ASP C 189 5.37 -41.96 -11.96
CA ASP C 189 5.82 -43.34 -11.94
C ASP C 189 6.84 -43.66 -10.85
N GLU C 190 7.16 -42.65 -10.04
CA GLU C 190 8.04 -42.76 -8.88
C GLU C 190 9.51 -42.98 -9.21
N LYS C 191 9.83 -43.02 -10.49
CA LYS C 191 11.21 -43.27 -10.91
C LYS C 191 12.09 -42.02 -10.90
N THR C 192 11.48 -40.84 -11.04
CA THR C 192 12.21 -39.59 -11.02
C THR C 192 12.03 -38.88 -9.70
N LEU C 193 13.14 -38.70 -9.00
CA LEU C 193 13.15 -37.94 -7.76
C LEU C 193 13.56 -36.50 -8.06
N TYR C 194 12.62 -35.58 -7.95
CA TYR C 194 12.91 -34.20 -8.31
C TYR C 194 13.52 -33.47 -7.14
N SER C 195 12.97 -33.70 -5.95
CA SER C 195 13.37 -32.93 -4.77
C SER C 195 13.15 -33.71 -3.51
N GLU C 196 13.89 -33.35 -2.47
CA GLU C 196 13.69 -33.89 -1.14
C GLU C 196 13.78 -32.74 -0.16
N ALA C 197 13.03 -32.82 0.92
CA ALA C 197 13.06 -31.75 1.91
C ALA C 197 12.91 -32.28 3.33
N THR C 198 13.45 -31.52 4.28
CA THR C 198 13.10 -31.71 5.67
C THR C 198 12.56 -30.40 6.22
N SER C 199 11.76 -30.49 7.27
CA SER C 199 11.15 -29.29 7.84
C SER C 199 10.94 -29.47 9.32
N LEU C 200 10.96 -28.36 10.04
CA LEU C 200 10.65 -28.38 11.46
C LEU C 200 9.56 -27.36 11.74
N PHE C 201 8.58 -27.79 12.51
CA PHE C 201 7.46 -26.96 12.94
C PHE C 201 7.41 -26.92 14.44
N ILE C 202 7.01 -25.77 14.98
CA ILE C 202 6.95 -25.62 16.42
C ILE C 202 5.53 -25.30 16.84
N LYS C 203 5.02 -26.07 17.79
CA LYS C 203 3.73 -25.75 18.41
C LYS C 203 3.97 -24.77 19.55
N LEU C 204 3.55 -23.52 19.37
CA LEU C 204 3.77 -22.48 20.37
C LEU C 204 2.82 -22.58 21.55
N LEU D 14 6.74 -4.77 -22.24
CA LEU D 14 8.17 -4.80 -21.97
C LEU D 14 8.53 -3.77 -20.89
N LYS D 15 7.68 -3.67 -19.88
CA LYS D 15 7.88 -2.70 -18.82
C LYS D 15 8.80 -3.22 -17.72
N ASP D 16 9.71 -2.38 -17.27
CA ASP D 16 10.55 -2.65 -16.11
C ASP D 16 9.67 -2.54 -14.86
N CYS D 17 9.55 -3.66 -14.13
CA CYS D 17 8.63 -3.77 -12.99
C CYS D 17 9.32 -3.48 -11.65
N SER D 18 10.63 -3.31 -11.68
N SER D 18 10.64 -3.33 -11.67
CA SER D 18 11.39 -3.07 -10.47
CA SER D 18 11.38 -3.07 -10.44
C SER D 18 11.56 -1.57 -10.18
C SER D 18 11.55 -1.58 -10.19
N VAL D 19 10.43 -0.85 -10.25
CA VAL D 19 10.41 0.60 -10.01
C VAL D 19 9.11 0.85 -9.26
N PRO D 20 9.02 2.00 -8.57
CA PRO D 20 7.79 2.27 -7.81
C PRO D 20 6.52 2.26 -8.65
N ASN D 21 5.42 1.81 -8.03
CA ASN D 21 4.08 1.98 -8.57
C ASN D 21 3.16 2.35 -7.41
N PRO D 22 1.89 2.69 -7.69
CA PRO D 22 1.06 3.21 -6.60
C PRO D 22 0.85 2.22 -5.44
N SER D 23 1.19 0.96 -5.64
CA SER D 23 0.99 -0.02 -4.57
C SER D 23 2.10 0.01 -3.53
N TRP D 24 3.19 0.69 -3.83
CA TRP D 24 4.35 0.65 -2.96
C TRP D 24 4.14 1.44 -1.67
N ASN D 25 4.35 0.76 -0.54
CA ASN D 25 4.25 1.41 0.77
C ASN D 25 5.38 2.43 0.95
N LYS D 26 5.12 3.43 1.78
CA LYS D 26 6.07 4.52 1.97
C LYS D 26 7.44 4.07 2.43
N ASP D 27 7.50 3.07 3.31
CA ASP D 27 8.79 2.57 3.77
C ASP D 27 9.57 1.88 2.65
N LEU D 28 8.87 1.26 1.70
CA LEU D 28 9.55 0.65 0.56
C LEU D 28 10.10 1.76 -0.33
N ARG D 29 9.30 2.81 -0.50
CA ARG D 29 9.72 3.96 -1.30
C ARG D 29 10.96 4.62 -0.69
N LEU D 30 10.98 4.75 0.63
CA LEU D 30 12.10 5.38 1.31
C LEU D 30 13.38 4.56 1.16
N LEU D 31 13.26 3.25 1.33
CA LEU D 31 14.42 2.37 1.20
C LEU D 31 14.89 2.33 -0.26
N PHE D 32 13.94 2.30 -1.19
CA PHE D 32 14.27 2.41 -2.62
C PHE D 32 15.10 3.67 -2.87
N ASP D 33 14.68 4.79 -2.31
CA ASP D 33 15.41 6.03 -2.52
C ASP D 33 16.83 5.93 -1.97
N GLN D 34 16.99 5.30 -0.82
CA GLN D 34 18.31 5.13 -0.23
C GLN D 34 19.20 4.29 -1.15
N PHE D 35 18.67 3.19 -1.66
CA PHE D 35 19.49 2.38 -2.57
C PHE D 35 19.78 3.05 -3.90
N MET D 36 18.86 3.86 -4.40
CA MET D 36 19.13 4.58 -5.63
C MET D 36 20.30 5.53 -5.39
N LYS D 37 20.35 6.12 -4.20
CA LYS D 37 21.45 7.00 -3.83
C LYS D 37 22.77 6.22 -3.77
N LYS D 38 22.73 5.00 -3.23
CA LYS D 38 23.92 4.15 -3.21
C LYS D 38 24.42 3.81 -4.60
N CYS D 39 23.57 3.98 -5.61
CA CYS D 39 23.95 3.69 -6.99
C CYS D 39 24.74 4.83 -7.64
N GLU D 40 24.80 5.98 -6.97
CA GLU D 40 25.40 7.17 -7.56
C GLU D 40 26.86 6.97 -7.95
N ASP D 41 27.64 6.34 -7.07
CA ASP D 41 29.07 6.16 -7.36
C ASP D 41 29.37 4.90 -8.18
N GLY D 42 28.31 4.18 -8.59
CA GLY D 42 28.46 3.02 -9.44
C GLY D 42 28.68 1.70 -8.70
N SER D 43 28.84 1.75 -7.39
CA SER D 43 29.14 0.55 -6.62
C SER D 43 27.92 -0.37 -6.50
N TRP D 44 26.72 0.22 -6.51
CA TRP D 44 25.48 -0.54 -6.61
C TRP D 44 24.81 -0.25 -7.95
N LYS D 45 23.98 -1.18 -8.39
CA LYS D 45 23.21 -1.05 -9.61
C LYS D 45 21.82 -1.66 -9.41
N ARG D 46 20.77 -0.95 -9.82
CA ARG D 46 19.41 -1.50 -9.79
C ARG D 46 19.22 -2.45 -10.96
N LEU D 47 18.66 -3.63 -10.69
CA LEU D 47 18.34 -4.59 -11.76
C LEU D 47 16.93 -4.42 -12.30
N PRO D 48 16.81 -4.12 -13.60
CA PRO D 48 15.51 -4.15 -14.25
C PRO D 48 14.90 -5.55 -14.16
N SER D 49 13.59 -5.62 -14.06
CA SER D 49 12.88 -6.90 -14.01
C SER D 49 11.68 -6.79 -14.95
N TYR D 50 11.53 -7.74 -15.86
CA TYR D 50 10.51 -7.64 -16.90
C TYR D 50 9.44 -8.72 -16.81
N GLN D 78 1.15 -17.87 -22.49
CA GLN D 78 1.29 -18.88 -21.45
C GLN D 78 2.35 -18.52 -20.41
N ALA D 79 3.55 -19.04 -20.60
CA ALA D 79 4.60 -18.98 -19.58
C ALA D 79 4.94 -17.57 -19.13
N GLN D 80 5.16 -17.41 -17.83
CA GLN D 80 5.46 -16.11 -17.25
C GLN D 80 6.33 -16.30 -16.00
N LEU D 81 7.23 -15.35 -15.73
CA LEU D 81 8.05 -15.44 -14.53
C LEU D 81 7.12 -15.48 -13.32
N PHE D 82 7.31 -16.49 -12.48
CA PHE D 82 6.50 -16.70 -11.29
C PHE D 82 6.34 -15.42 -10.44
N THR D 83 7.44 -14.70 -10.24
CA THR D 83 7.40 -13.56 -9.31
C THR D 83 6.82 -12.29 -9.93
N ARG D 84 6.46 -12.35 -11.20
CA ARG D 84 5.86 -11.20 -11.88
C ARG D 84 4.50 -11.55 -12.48
N SER D 85 3.87 -12.61 -11.97
N SER D 85 3.88 -12.61 -11.95
CA SER D 85 2.62 -13.07 -12.55
CA SER D 85 2.64 -13.13 -12.49
C SER D 85 1.38 -12.54 -11.85
C SER D 85 1.37 -12.53 -11.86
N PHE D 86 1.55 -11.50 -11.03
CA PHE D 86 0.41 -10.83 -10.40
C PHE D 86 0.28 -9.38 -10.86
N ASP D 87 -0.92 -8.83 -10.76
CA ASP D 87 -1.11 -7.41 -11.02
C ASP D 87 -0.46 -6.60 -9.92
N ASP D 88 -0.26 -5.30 -10.17
CA ASP D 88 0.43 -4.43 -9.23
C ASP D 88 -0.14 -4.46 -7.82
N GLY D 89 0.73 -4.74 -6.86
CA GLY D 89 0.39 -4.67 -5.46
C GLY D 89 -0.17 -5.96 -4.86
N LEU D 90 -0.78 -6.78 -5.71
CA LEU D 90 -1.43 -7.98 -5.21
C LEU D 90 -0.48 -9.09 -4.85
N GLY D 91 0.65 -9.17 -5.55
CA GLY D 91 1.58 -10.27 -5.39
C GLY D 91 2.95 -9.83 -4.90
N PHE D 92 3.99 -10.19 -5.65
CA PHE D 92 5.35 -9.81 -5.29
C PHE D 92 5.66 -8.41 -5.82
N GLU D 93 5.90 -7.48 -4.92
CA GLU D 93 6.45 -6.17 -5.32
C GLU D 93 7.90 -6.16 -4.84
N TYR D 94 8.85 -5.94 -5.75
CA TYR D 94 10.24 -6.01 -5.35
C TYR D 94 11.15 -5.34 -6.33
N VAL D 95 12.38 -5.12 -5.86
CA VAL D 95 13.43 -4.57 -6.69
C VAL D 95 14.75 -5.05 -6.11
N MET D 96 15.67 -5.47 -6.99
CA MET D 96 16.98 -5.90 -6.53
C MET D 96 18.06 -4.87 -6.85
N PHE D 97 19.00 -4.71 -5.92
CA PHE D 97 20.20 -3.89 -6.12
C PHE D 97 21.45 -4.74 -5.95
N TYR D 98 22.36 -4.69 -6.93
CA TYR D 98 23.54 -5.54 -6.91
C TYR D 98 24.82 -4.75 -6.72
N ASN D 99 25.68 -5.23 -5.81
CA ASN D 99 27.00 -4.66 -5.62
C ASN D 99 28.05 -5.68 -6.07
N ASP D 100 28.66 -5.44 -7.22
CA ASP D 100 29.54 -6.46 -7.81
C ASP D 100 30.87 -6.65 -7.08
N ILE D 101 31.45 -5.57 -6.57
CA ILE D 101 32.67 -5.69 -5.78
C ILE D 101 32.46 -6.57 -4.53
N GLU D 102 31.31 -6.38 -3.86
CA GLU D 102 31.00 -7.16 -2.67
C GLU D 102 30.34 -8.51 -2.98
N LYS D 103 30.00 -8.74 -4.24
CA LYS D 103 29.23 -9.93 -4.61
C LYS D 103 28.00 -10.06 -3.72
N ARG D 104 27.30 -8.95 -3.63
CA ARG D 104 26.16 -8.80 -2.71
C ARG D 104 24.89 -8.40 -3.46
N MET D 105 23.79 -9.06 -3.14
CA MET D 105 22.51 -8.71 -3.75
C MET D 105 21.51 -8.39 -2.65
N VAL D 106 20.92 -7.21 -2.72
CA VAL D 106 19.86 -6.81 -1.81
C VAL D 106 18.52 -6.81 -2.55
N CYS D 107 17.50 -7.39 -1.94
CA CYS D 107 16.17 -7.31 -2.50
C CYS D 107 15.25 -6.57 -1.54
N LEU D 108 14.57 -5.55 -2.04
CA LEU D 108 13.50 -4.91 -1.28
C LEU D 108 12.18 -5.56 -1.69
N PHE D 109 11.43 -6.06 -0.72
CA PHE D 109 10.28 -6.89 -1.03
C PHE D 109 9.06 -6.55 -0.18
N GLN D 110 7.95 -6.27 -0.84
CA GLN D 110 6.66 -6.04 -0.19
C GLN D 110 5.69 -7.12 -0.65
N GLY D 111 5.28 -7.98 0.27
CA GLY D 111 4.40 -9.09 -0.07
C GLY D 111 2.95 -8.70 0.01
N GLY D 112 2.24 -8.80 -1.12
CA GLY D 112 0.85 -8.37 -1.19
C GLY D 112 -0.15 -9.40 -0.69
N PRO D 113 -1.44 -9.05 -0.72
CA PRO D 113 -2.50 -9.85 -0.10
C PRO D 113 -2.64 -11.24 -0.72
N TYR D 114 -2.24 -11.42 -1.98
CA TYR D 114 -2.38 -12.75 -2.59
C TYR D 114 -1.26 -13.69 -2.16
N LEU D 115 -0.35 -13.23 -1.31
CA LEU D 115 0.75 -14.07 -0.87
C LEU D 115 0.53 -14.68 0.52
N GLU D 116 -0.72 -14.68 0.98
CA GLU D 116 -1.01 -15.16 2.32
C GLU D 116 -0.80 -16.66 2.54
N GLY D 117 -0.26 -16.99 3.72
CA GLY D 117 -0.21 -18.37 4.20
C GLY D 117 -1.06 -18.42 5.46
N PRO D 118 -0.42 -18.40 6.63
CA PRO D 118 -1.19 -18.22 7.87
C PRO D 118 -1.97 -16.91 7.79
N PRO D 119 -3.21 -16.89 8.29
CA PRO D 119 -4.01 -15.67 8.19
C PRO D 119 -3.21 -14.46 8.64
N GLY D 120 -3.11 -13.44 7.78
CA GLY D 120 -2.43 -12.21 8.14
C GLY D 120 -0.94 -12.21 7.89
N PHE D 121 -0.40 -13.31 7.38
CA PHE D 121 1.05 -13.42 7.21
C PHE D 121 1.44 -13.95 5.84
N ILE D 122 2.66 -13.60 5.42
CA ILE D 122 3.20 -14.08 4.15
C ILE D 122 3.50 -15.59 4.19
N HIS D 123 3.02 -16.29 3.19
CA HIS D 123 3.21 -17.73 3.03
C HIS D 123 4.70 -18.04 3.06
N GLY D 124 5.08 -19.09 3.79
CA GLY D 124 6.48 -19.48 3.85
C GLY D 124 7.05 -19.73 2.47
N GLY D 125 6.20 -20.16 1.54
CA GLY D 125 6.64 -20.41 0.18
C GLY D 125 6.93 -19.13 -0.58
N ALA D 126 6.15 -18.09 -0.29
CA ALA D 126 6.37 -16.78 -0.90
C ALA D 126 7.68 -16.20 -0.40
N ILE D 127 7.96 -16.39 0.88
CA ILE D 127 9.22 -15.95 1.46
C ILE D 127 10.35 -16.77 0.82
N ALA D 128 10.17 -18.08 0.74
CA ALA D 128 11.20 -18.91 0.09
C ALA D 128 11.44 -18.47 -1.35
N THR D 129 10.38 -18.09 -2.05
CA THR D 129 10.49 -17.68 -3.44
C THR D 129 11.37 -16.43 -3.59
N MET D 130 11.11 -15.43 -2.76
CA MET D 130 11.92 -14.22 -2.79
C MET D 130 13.35 -14.42 -2.30
N ILE D 131 13.54 -15.31 -1.33
CA ILE D 131 14.90 -15.67 -0.94
C ILE D 131 15.63 -16.32 -2.11
N ASP D 132 15.01 -17.34 -2.71
CA ASP D 132 15.61 -18.04 -3.85
C ASP D 132 15.93 -17.07 -4.97
N ALA D 133 15.02 -16.12 -5.21
CA ALA D 133 15.18 -15.18 -6.31
C ALA D 133 16.42 -14.32 -6.08
N THR D 134 16.58 -13.89 -4.84
CA THR D 134 17.67 -13.02 -4.45
C THR D 134 19.01 -13.76 -4.46
N VAL D 135 19.10 -14.87 -3.74
CA VAL D 135 20.37 -15.61 -3.72
C VAL D 135 20.74 -16.17 -5.06
N GLY D 136 19.75 -16.60 -5.84
CA GLY D 136 20.03 -17.09 -7.19
C GLY D 136 20.50 -16.01 -8.14
N MET D 137 19.90 -14.84 -8.02
CA MET D 137 20.36 -13.70 -8.82
C MET D 137 21.76 -13.25 -8.43
N CYS D 138 22.09 -13.31 -7.14
CA CYS D 138 23.43 -12.97 -6.67
C CYS D 138 24.45 -13.91 -7.32
N ALA D 139 24.19 -15.22 -7.24
CA ALA D 139 25.10 -16.18 -7.86
C ALA D 139 25.21 -15.95 -9.36
N MET D 140 24.07 -15.64 -10.01
N MET D 140 24.07 -15.65 -9.99
CA MET D 140 24.05 -15.47 -11.46
CA MET D 140 24.04 -15.45 -11.44
C MET D 140 24.82 -14.22 -11.92
C MET D 140 24.87 -14.25 -11.85
N MET D 141 24.64 -13.12 -11.19
CA MET D 141 25.37 -11.89 -11.50
C MET D 141 26.86 -12.07 -11.28
N ALA D 142 27.23 -12.90 -10.30
CA ALA D 142 28.64 -13.15 -10.03
C ALA D 142 29.28 -14.09 -11.04
N GLY D 143 28.58 -15.16 -11.40
CA GLY D 143 29.23 -16.26 -12.10
C GLY D 143 28.50 -16.87 -13.29
N GLY D 144 27.33 -16.35 -13.60
CA GLY D 144 26.57 -16.80 -14.77
C GLY D 144 25.43 -17.76 -14.45
N ILE D 145 24.91 -18.41 -15.48
CA ILE D 145 23.73 -19.27 -15.34
C ILE D 145 23.93 -20.38 -14.32
N VAL D 146 23.03 -20.43 -13.34
CA VAL D 146 23.06 -21.44 -12.28
C VAL D 146 21.68 -22.02 -12.03
N MET D 147 21.63 -23.14 -11.32
CA MET D 147 20.36 -23.69 -10.86
C MET D 147 20.44 -24.02 -9.37
N THR D 148 19.34 -23.79 -8.66
CA THR D 148 19.31 -24.06 -7.23
C THR D 148 19.54 -25.54 -6.95
N ALA D 149 20.43 -25.83 -6.00
CA ALA D 149 20.65 -27.20 -5.55
C ALA D 149 20.18 -27.39 -4.10
N ASN D 150 20.42 -26.39 -3.26
CA ASN D 150 19.95 -26.45 -1.89
C ASN D 150 19.48 -25.10 -1.43
N LEU D 151 18.40 -25.11 -0.66
CA LEU D 151 17.89 -23.90 -0.05
C LEU D 151 17.50 -24.28 1.38
N ASN D 152 18.17 -23.69 2.36
CA ASN D 152 17.95 -24.03 3.76
C ASN D 152 17.53 -22.77 4.49
N ILE D 153 16.27 -22.70 4.90
CA ILE D 153 15.70 -21.46 5.42
C ILE D 153 15.31 -21.62 6.88
N ASN D 154 15.82 -20.73 7.71
CA ASN D 154 15.35 -20.66 9.08
C ASN D 154 14.40 -19.48 9.24
N TYR D 155 13.17 -19.78 9.60
CA TYR D 155 12.18 -18.74 9.83
C TYR D 155 12.18 -18.39 11.30
N LYS D 156 12.58 -17.17 11.61
CA LYS D 156 12.70 -16.75 13.01
C LYS D 156 11.41 -16.11 13.51
N ARG D 157 10.78 -15.31 12.66
CA ARG D 157 9.51 -14.64 13.00
C ARG D 157 8.66 -14.56 11.75
N PRO D 158 7.34 -14.74 11.88
CA PRO D 158 6.47 -14.63 10.71
C PRO D 158 6.45 -13.19 10.22
N ILE D 159 6.21 -13.01 8.92
CA ILE D 159 6.22 -11.68 8.32
C ILE D 159 4.82 -11.25 7.99
N PRO D 160 4.35 -10.15 8.60
CA PRO D 160 2.96 -9.72 8.36
C PRO D 160 2.70 -9.45 6.89
N LEU D 161 1.51 -9.84 6.43
CA LEU D 161 1.07 -9.57 5.07
C LEU D 161 1.10 -8.06 4.79
N CYS D 162 1.54 -7.70 3.58
CA CYS D 162 1.61 -6.31 3.13
C CYS D 162 2.73 -5.49 3.75
N SER D 163 3.65 -6.14 4.46
CA SER D 163 4.77 -5.41 5.02
C SER D 163 5.98 -5.47 4.07
N VAL D 164 6.98 -4.67 4.41
CA VAL D 164 8.17 -4.56 3.57
C VAL D 164 9.36 -5.15 4.30
N VAL D 165 10.18 -5.92 3.58
CA VAL D 165 11.40 -6.46 4.18
C VAL D 165 12.59 -6.25 3.27
N MET D 166 13.77 -6.35 3.84
CA MET D 166 15.01 -6.29 3.10
C MET D 166 15.72 -7.63 3.18
N ILE D 167 16.03 -8.18 2.00
CA ILE D 167 16.76 -9.44 1.93
C ILE D 167 18.18 -9.11 1.52
N ASN D 168 19.15 -9.39 2.38
CA ASN D 168 20.53 -9.06 2.08
C ASN D 168 21.29 -10.36 1.89
N SER D 169 21.84 -10.56 0.70
CA SER D 169 22.51 -11.81 0.38
C SER D 169 23.91 -11.54 -0.09
N GLN D 170 24.80 -12.51 0.07
CA GLN D 170 26.11 -12.40 -0.54
C GLN D 170 26.72 -13.75 -0.82
N LEU D 171 27.54 -13.75 -1.85
CA LEU D 171 28.28 -14.94 -2.26
C LEU D 171 29.43 -15.14 -1.28
N ASP D 172 29.42 -16.25 -0.57
CA ASP D 172 30.37 -16.49 0.49
C ASP D 172 31.60 -17.22 -0.04
N LYS D 173 31.36 -18.17 -0.93
CA LYS D 173 32.48 -18.89 -1.51
C LYS D 173 32.07 -19.61 -2.79
N VAL D 174 33.08 -19.94 -3.58
CA VAL D 174 32.88 -20.67 -4.82
C VAL D 174 33.90 -21.79 -4.86
N GLU D 175 33.41 -23.02 -5.09
CA GLU D 175 34.29 -24.18 -5.27
C GLU D 175 33.90 -24.86 -6.57
N GLY D 176 34.69 -24.67 -7.61
CA GLY D 176 34.36 -25.22 -8.92
C GLY D 176 33.04 -24.69 -9.44
N ARG D 177 32.07 -25.57 -9.65
CA ARG D 177 30.76 -25.16 -10.15
C ARG D 177 29.80 -24.83 -9.00
N LYS D 178 30.29 -24.92 -7.77
CA LYS D 178 29.43 -24.69 -6.60
C LYS D 178 29.52 -23.25 -6.12
N PHE D 179 28.35 -22.62 -5.96
CA PHE D 179 28.25 -21.24 -5.48
C PHE D 179 27.47 -21.24 -4.18
N PHE D 180 28.13 -20.84 -3.09
CA PHE D 180 27.50 -20.84 -1.78
C PHE D 180 27.05 -19.43 -1.44
N VAL D 181 25.75 -19.26 -1.17
CA VAL D 181 25.22 -17.91 -0.98
C VAL D 181 24.37 -17.93 0.26
N SER D 182 24.56 -16.95 1.14
CA SER D 182 23.72 -16.84 2.31
C SER D 182 23.01 -15.52 2.38
N CYS D 183 21.96 -15.46 3.18
CA CYS D 183 21.25 -14.21 3.30
C CYS D 183 20.48 -14.11 4.59
N ASN D 184 19.95 -12.92 4.83
CA ASN D 184 18.96 -12.76 5.89
C ASN D 184 17.85 -11.86 5.41
N VAL D 185 16.75 -11.88 6.16
CA VAL D 185 15.56 -11.12 5.83
C VAL D 185 15.21 -10.31 7.06
N GLN D 186 15.21 -8.99 6.89
CA GLN D 186 14.98 -8.10 8.02
C GLN D 186 13.96 -7.03 7.71
N SER D 187 13.44 -6.43 8.76
CA SER D 187 12.64 -5.21 8.63
C SER D 187 13.45 -4.10 7.96
N VAL D 188 12.75 -3.11 7.43
CA VAL D 188 13.39 -1.96 6.79
C VAL D 188 14.38 -1.26 7.72
N ASP D 189 14.03 -1.17 9.00
CA ASP D 189 14.88 -0.48 9.96
C ASP D 189 15.94 -1.42 10.53
N GLU D 190 15.92 -2.66 10.05
CA GLU D 190 16.91 -3.67 10.41
C GLU D 190 16.94 -4.02 11.90
N LYS D 191 15.85 -3.74 12.62
CA LYS D 191 15.76 -4.09 14.03
C LYS D 191 15.07 -5.43 14.26
N THR D 192 14.37 -5.94 13.24
CA THR D 192 13.69 -7.23 13.36
C THR D 192 14.29 -8.21 12.36
N LEU D 193 14.68 -9.37 12.85
CA LEU D 193 15.19 -10.45 12.02
C LEU D 193 14.09 -11.45 11.76
N TYR D 194 13.65 -11.55 10.51
CA TYR D 194 12.57 -12.46 10.14
C TYR D 194 13.05 -13.85 9.74
N SER D 195 14.13 -13.92 8.97
CA SER D 195 14.57 -15.20 8.42
C SER D 195 16.05 -15.14 8.12
N GLU D 196 16.69 -16.30 8.10
CA GLU D 196 18.05 -16.45 7.60
C GLU D 196 18.08 -17.66 6.71
N ALA D 197 19.00 -17.70 5.74
CA ALA D 197 19.06 -18.86 4.88
C ALA D 197 20.45 -19.05 4.36
N THR D 198 20.74 -20.30 3.98
CA THR D 198 21.92 -20.60 3.18
C THR D 198 21.44 -21.29 1.92
N SER D 199 22.27 -21.27 0.87
CA SER D 199 21.88 -21.89 -0.40
C SER D 199 23.12 -22.37 -1.13
N LEU D 200 22.91 -23.31 -2.03
CA LEU D 200 23.98 -23.79 -2.90
C LEU D 200 23.43 -23.72 -4.30
N PHE D 201 24.18 -23.11 -5.20
CA PHE D 201 23.79 -23.05 -6.60
C PHE D 201 24.87 -23.76 -7.38
N ILE D 202 24.46 -24.40 -8.47
CA ILE D 202 25.40 -25.11 -9.33
C ILE D 202 25.41 -24.45 -10.71
N LYS D 203 26.60 -24.08 -11.17
CA LYS D 203 26.73 -23.43 -12.47
C LYS D 203 26.50 -24.43 -13.60
N LEU D 204 25.61 -24.08 -14.53
CA LEU D 204 25.30 -24.95 -15.67
C LEU D 204 26.45 -24.99 -16.67
N ASN D 205 26.74 -26.18 -17.17
CA ASN D 205 27.74 -26.35 -18.21
C ASN D 205 27.14 -26.05 -19.59
#